data_8U6K
#
_entry.id   8U6K
#
_cell.length_a   222.132
_cell.length_b   68.384
_cell.length_c   103.540
_cell.angle_alpha   90.00
_cell.angle_beta   107.54
_cell.angle_gamma   90.00
#
_symmetry.space_group_name_H-M   'C 1 2 1'
#
loop_
_entity.id
_entity.type
_entity.pdbx_description
1 polymer 'Reverse transcriptase/ribonuclease H'
2 polymer 'p51 RT'
3 non-polymer N-(2-{2-[(6-cyanonaphthalen-1-yl)oxy]phenoxy}ethyl)-N-methylprop-2-enamide
4 non-polymer 'MAGNESIUM ION'
5 non-polymer 'PHOSPHATE ION'
6 water water
#
loop_
_entity_poly.entity_id
_entity_poly.type
_entity_poly.pdbx_seq_one_letter_code
_entity_poly.pdbx_strand_id
1 'polypeptide(L)'
;MVPISPIETVPVKLKPGMDGPKVKQWPLTEEKIKALVEICTEMEKEGKISKIGPENPYNTPVFAIKKKDSTKWRKLVDFR
ELNKRTQDFWEVQLGIPHPAGLKKKKSVTVLDVGDAYFSVPLDEDFRKYTAFTIPSINNETPGIRYQYNVLPQGWKGSPA
IFQSSMTKILEPFAAQNPDIVIYQYMDDLYVGSDLEIGQHRTKIEELRQHLLRWGLTTPDKKHQKEPPFLWMGYELHPDK
WTVQPIVLPEKDSWTVNDIQKLVGKLNWASQIYPGIKVRQLSKLLRGTKALTEVIPLTEEAELELAENREILKEPVHGVY
YDPSKDLIAEIQKQGQGQWTYQIYQEPFKNLKTGKYARMRGAHTNDVKQLTEAVQKITTESIVIWGKTPKFKLPIQKETW
ETWWTEYWQATWIPEWEFVNTPPLVKLWYQLEKEPIVGAETFYVDGAANRETKLGKAGYVTNKGRQKVVPLTNTTNQKTE
LQAIYLALQDSGLEVNIVTDSQYALGIIQAQPDKSESELVNQIIEQLIKKEKVYLAWVPAHKGIGGNEQVDKLVSAG
;
A
2 'polypeptide(L)'
;PISPIETVPVKLKPGMDGPKVKQWPLTEEKIKALVEICTEMEKEGKISKIGPENPYNTPVFAIKKKDSTKWRKLVDFREL
NKRTQDFWEVQLGIPHPAGLKKKKSVTVLDVGDAYFSVPLDEDFRKYTAFTIPSINNETPGIRYQYNVLPQGWKGSPAIF
QSSMTKILEPFKKQNPDIVIYQYMDDLYVGSDLEIGQHRTKIEELRQHLLRWGLTTPDKKHQKEPPFLWMGYELHPDKWT
VQPIVLPEKDSWTVNDIQKLVGKLNWASQIYPGIKVRQLSKLLRGTKALTEVIPLTEEAELELAENREILKEPVHGVYYD
PSKDLIAEIQKQGQGQWTYQIYQEPFKNLKTGKYARMRGAHTNDVKQLTEAVQKITTESIVIWGKTPKFKLPIQKETWET
WWTEYWQATWIPEWEFVNTPPLVKLWYQ
;
B
#
loop_
_chem_comp.id
_chem_comp.type
_chem_comp.name
_chem_comp.formula
MG non-polymer 'MAGNESIUM ION' 'Mg 2'
PO4 non-polymer 'PHOSPHATE ION' 'O4 P -3'
VRF non-polymer N-(2-{2-[(6-cyanonaphthalen-1-yl)oxy]phenoxy}ethyl)-N-methylprop-2-enamide 'C23 H20 N2 O3'
#
# COMPACT_ATOMS: atom_id res chain seq x y z
N PRO A 3 2.97 10.87 -43.83
CA PRO A 3 2.99 12.30 -43.49
C PRO A 3 3.62 12.58 -42.13
N ILE A 4 4.04 13.83 -41.90
CA ILE A 4 4.47 14.27 -40.57
C ILE A 4 3.40 15.23 -40.04
N SER A 5 3.53 15.66 -38.80
CA SER A 5 2.49 16.36 -38.08
C SER A 5 2.84 17.83 -37.92
N PRO A 6 1.89 18.75 -38.12
CA PRO A 6 2.08 20.15 -37.74
C PRO A 6 1.99 20.36 -36.23
N ILE A 7 2.06 19.26 -35.45
CA ILE A 7 1.93 19.37 -34.01
C ILE A 7 3.18 19.99 -33.43
N GLU A 8 3.00 20.70 -32.33
CA GLU A 8 4.14 21.27 -31.64
C GLU A 8 5.02 20.16 -31.08
N THR A 9 6.30 20.45 -30.93
CA THR A 9 7.19 19.42 -30.43
C THR A 9 7.30 19.53 -28.92
N VAL A 10 7.69 18.42 -28.30
CA VAL A 10 7.95 18.37 -26.88
C VAL A 10 9.44 18.64 -26.68
N PRO A 11 9.84 19.53 -25.77
CA PRO A 11 11.28 19.78 -25.57
C PRO A 11 11.91 18.60 -24.85
N VAL A 12 13.16 18.33 -25.20
CA VAL A 12 13.89 17.22 -24.62
C VAL A 12 15.24 17.71 -24.17
N LYS A 13 15.79 17.09 -23.14
CA LYS A 13 17.12 17.40 -22.67
C LYS A 13 17.85 16.12 -22.34
N LEU A 14 19.17 16.15 -22.38
CA LEU A 14 19.90 15.01 -21.87
C LEU A 14 20.00 15.07 -20.33
N LYS A 15 20.27 13.91 -19.73
CA LYS A 15 20.52 13.85 -18.30
C LYS A 15 21.71 14.73 -17.96
N PRO A 16 21.62 15.58 -16.93
CA PRO A 16 22.52 16.73 -16.84
C PRO A 16 23.97 16.28 -16.80
N GLY A 17 24.83 17.06 -17.45
CA GLY A 17 26.23 16.70 -17.53
C GLY A 17 26.53 15.51 -18.42
N MET A 18 25.61 15.18 -19.33
CA MET A 18 25.81 14.12 -20.32
C MET A 18 25.74 14.72 -21.73
N ASP A 19 26.60 14.22 -22.61
CA ASP A 19 26.58 14.55 -24.04
C ASP A 19 26.11 13.35 -24.85
N GLY A 20 26.02 13.55 -26.17
CA GLY A 20 25.38 12.61 -27.06
C GLY A 20 26.26 11.43 -27.43
N PRO A 21 25.62 10.36 -27.90
CA PRO A 21 26.37 9.15 -28.24
C PRO A 21 27.37 9.39 -29.36
N LYS A 22 28.52 8.73 -29.25
CA LYS A 22 29.53 8.71 -30.29
C LYS A 22 29.99 7.29 -30.54
N VAL A 23 29.01 6.40 -30.67
CA VAL A 23 29.27 5.01 -31.07
C VAL A 23 29.73 4.96 -32.53
N LYS A 24 30.81 4.23 -32.78
CA LYS A 24 31.28 4.07 -34.16
C LYS A 24 30.40 3.09 -34.92
N GLN A 25 30.37 3.26 -36.23
CA GLN A 25 29.50 2.47 -37.09
C GLN A 25 30.22 1.18 -37.46
N TRP A 26 29.56 0.04 -37.24
CA TRP A 26 30.07 -1.20 -37.77
C TRP A 26 29.96 -1.19 -39.29
N PRO A 27 30.94 -1.76 -40.01
CA PRO A 27 30.84 -1.84 -41.47
C PRO A 27 29.97 -3.01 -41.91
N LEU A 28 29.29 -2.83 -43.03
CA LEU A 28 28.20 -3.71 -43.47
C LEU A 28 28.46 -4.25 -44.88
N THR A 29 27.54 -5.11 -45.33
CA THR A 29 27.59 -5.71 -46.67
C THR A 29 26.99 -4.75 -47.68
N GLU A 30 27.64 -4.64 -48.85
CA GLU A 30 27.15 -3.79 -49.94
C GLU A 30 25.65 -3.95 -50.16
N GLU A 31 25.12 -5.19 -50.06
CA GLU A 31 23.69 -5.40 -50.14
C GLU A 31 22.95 -4.61 -49.07
N LYS A 32 23.36 -4.75 -47.81
CA LYS A 32 22.71 -4.03 -46.72
C LYS A 32 22.87 -2.51 -46.89
N ILE A 33 24.04 -2.05 -47.38
CA ILE A 33 24.25 -0.63 -47.65
C ILE A 33 23.27 -0.14 -48.70
N LYS A 34 22.98 -0.97 -49.70
CA LYS A 34 22.03 -0.60 -50.75
C LYS A 34 20.62 -0.44 -50.19
N ALA A 35 20.20 -1.36 -49.31
CA ALA A 35 18.88 -1.24 -48.71
C ALA A 35 18.74 0.06 -47.94
N LEU A 36 19.76 0.42 -47.16
CA LEU A 36 19.68 1.65 -46.38
C LEU A 36 19.67 2.89 -47.28
N VAL A 37 20.54 2.91 -48.31
CA VAL A 37 20.62 4.09 -49.15
C VAL A 37 19.26 4.40 -49.77
N GLU A 38 18.57 3.37 -50.27
CA GLU A 38 17.23 3.58 -50.82
C GLU A 38 16.24 3.97 -49.72
N ILE A 39 16.26 3.26 -48.59
CA ILE A 39 15.35 3.57 -47.50
C ILE A 39 15.61 4.97 -46.98
N CYS A 40 16.87 5.39 -46.94
CA CYS A 40 17.18 6.73 -46.44
C CYS A 40 16.86 7.83 -47.43
N THR A 41 16.96 7.59 -48.74
CA THR A 41 16.49 8.61 -49.68
C THR A 41 14.96 8.69 -49.65
N GLU A 42 14.28 7.55 -49.56
CA GLU A 42 12.83 7.61 -49.41
C GLU A 42 12.46 8.37 -48.14
N MET A 43 13.06 7.99 -47.01
CA MET A 43 12.79 8.67 -45.74
C MET A 43 13.17 10.14 -45.80
N GLU A 44 14.24 10.45 -46.54
CA GLU A 44 14.60 11.85 -46.72
C GLU A 44 13.53 12.58 -47.52
N LYS A 45 13.02 11.95 -48.58
CA LYS A 45 12.03 12.59 -49.43
C LYS A 45 10.78 12.95 -48.64
N GLU A 46 10.54 12.29 -47.52
CA GLU A 46 9.37 12.56 -46.70
C GLU A 46 9.68 13.48 -45.51
N GLY A 47 10.92 13.98 -45.40
CA GLY A 47 11.31 14.81 -44.29
C GLY A 47 11.53 14.08 -42.97
N LYS A 48 11.46 12.76 -42.95
CA LYS A 48 11.66 12.04 -41.70
C LYS A 48 13.09 12.18 -41.20
N ILE A 49 14.05 12.32 -42.11
CA ILE A 49 15.45 12.53 -41.78
C ILE A 49 16.03 13.56 -42.73
N SER A 50 17.26 13.98 -42.46
CA SER A 50 17.95 14.99 -43.26
C SER A 50 19.45 14.74 -43.26
N LYS A 51 20.06 14.78 -44.45
CA LYS A 51 21.51 14.72 -44.53
C LYS A 51 22.10 15.90 -43.78
N ILE A 52 23.14 15.63 -42.98
CA ILE A 52 23.71 16.71 -42.14
C ILE A 52 25.16 16.97 -42.54
N GLY A 53 25.72 18.08 -42.08
CA GLY A 53 27.10 18.43 -42.42
C GLY A 53 28.08 17.55 -41.71
N PRO A 54 29.36 17.97 -41.55
CA PRO A 54 30.37 17.15 -40.91
C PRO A 54 30.63 17.55 -39.47
N GLU A 55 29.92 18.56 -38.97
CA GLU A 55 30.21 19.09 -37.61
C GLU A 55 29.30 18.44 -36.56
N ASN A 56 28.58 17.38 -36.92
CA ASN A 56 27.77 16.67 -35.89
C ASN A 56 28.63 15.56 -35.32
N PRO A 57 29.27 15.73 -34.16
CA PRO A 57 30.21 14.72 -33.64
C PRO A 57 29.57 13.37 -33.35
N TYR A 58 28.25 13.28 -33.28
CA TYR A 58 27.59 12.13 -32.66
C TYR A 58 27.35 11.01 -33.66
N ASN A 59 27.15 9.80 -33.14
CA ASN A 59 26.69 8.73 -34.01
C ASN A 59 26.04 7.65 -33.15
N THR A 60 25.36 6.76 -33.85
CA THR A 60 24.60 5.61 -33.37
C THR A 60 24.64 4.63 -34.53
N PRO A 61 24.92 3.36 -34.28
CA PRO A 61 24.96 2.39 -35.37
C PRO A 61 23.59 2.17 -35.99
N VAL A 62 23.60 1.67 -37.21
CA VAL A 62 22.39 1.36 -37.94
C VAL A 62 22.64 0.05 -38.67
N PHE A 63 21.55 -0.66 -38.99
CA PHE A 63 21.67 -1.98 -39.61
C PHE A 63 20.51 -2.19 -40.58
N ALA A 64 20.65 -3.20 -41.44
CA ALA A 64 19.63 -3.54 -42.42
C ALA A 64 19.41 -5.04 -42.41
N ILE A 65 18.14 -5.44 -42.49
CA ILE A 65 17.78 -6.85 -42.41
C ILE A 65 16.37 -7.02 -42.91
N LYS A 66 16.01 -8.25 -43.26
CA LYS A 66 14.64 -8.62 -43.64
C LYS A 66 14.40 -10.01 -43.09
N LYS A 67 13.72 -10.10 -41.95
CA LYS A 67 13.33 -11.40 -41.40
C LYS A 67 12.59 -12.20 -42.47
N LYS A 68 13.12 -13.38 -42.81
CA LYS A 68 12.59 -14.16 -43.94
C LYS A 68 11.30 -14.90 -43.58
N LYS A 72 10.70 -7.92 -48.56
CA LYS A 72 10.67 -6.58 -48.00
C LYS A 72 11.79 -6.36 -46.99
N TRP A 73 12.48 -5.23 -47.07
CA TRP A 73 13.59 -4.88 -46.20
C TRP A 73 13.15 -3.84 -45.16
N ARG A 74 13.92 -3.74 -44.07
CA ARG A 74 13.63 -2.77 -43.02
C ARG A 74 14.91 -2.32 -42.32
N LYS A 75 14.91 -1.07 -41.87
CA LYS A 75 16.08 -0.45 -41.24
C LYS A 75 15.89 -0.34 -39.73
N LEU A 76 16.89 -0.82 -38.99
CA LEU A 76 16.86 -0.83 -37.53
C LEU A 76 18.10 -0.12 -36.98
N VAL A 77 17.90 0.68 -35.92
CA VAL A 77 18.95 1.47 -35.31
C VAL A 77 19.12 1.06 -33.84
N ASP A 78 20.36 1.16 -33.35
CA ASP A 78 20.71 0.80 -31.98
C ASP A 78 20.90 2.07 -31.16
N PHE A 79 19.86 2.46 -30.42
CA PHE A 79 19.86 3.69 -29.66
C PHE A 79 20.26 3.49 -28.21
N ARG A 80 20.89 2.36 -27.90
CA ARG A 80 21.20 2.04 -26.51
C ARG A 80 21.98 3.17 -25.85
N GLU A 81 23.08 3.60 -26.46
CA GLU A 81 23.87 4.65 -25.84
C GLU A 81 23.08 5.95 -25.76
N LEU A 82 22.32 6.30 -26.80
CA LEU A 82 21.54 7.53 -26.73
C LEU A 82 20.46 7.42 -25.64
N ASN A 83 19.69 6.33 -25.66
CA ASN A 83 18.69 6.16 -24.63
C ASN A 83 19.29 6.23 -23.23
N LYS A 84 20.54 5.82 -23.07
CA LYS A 84 21.16 5.89 -21.75
C LYS A 84 21.33 7.33 -21.30
N ARG A 85 21.38 8.27 -22.25
CA ARG A 85 21.75 9.65 -21.96
C ARG A 85 20.59 10.62 -21.95
N THR A 86 19.45 10.28 -22.57
CA THR A 86 18.34 11.21 -22.62
C THR A 86 17.58 11.20 -21.30
N GLN A 87 16.94 12.33 -21.02
CA GLN A 87 16.22 12.48 -19.74
C GLN A 87 15.14 11.44 -19.56
N ASP A 88 14.60 11.37 -18.35
CA ASP A 88 13.47 10.48 -18.10
C ASP A 88 12.17 11.16 -18.49
N PHE A 89 11.19 10.34 -18.90
CA PHE A 89 9.88 10.83 -19.34
C PHE A 89 8.80 10.30 -18.41
N TRP A 90 7.61 10.90 -18.49
CA TRP A 90 6.49 10.30 -17.79
C TRP A 90 6.26 8.91 -18.35
N GLU A 91 6.21 7.93 -17.46
CA GLU A 91 6.05 6.53 -17.87
C GLU A 91 4.82 6.35 -18.76
N VAL A 92 5.06 5.88 -19.98
CA VAL A 92 3.97 5.51 -20.86
C VAL A 92 3.11 4.46 -20.15
N GLN A 93 1.86 4.32 -20.62
CA GLN A 93 0.90 3.45 -19.95
C GLN A 93 1.44 2.04 -19.76
N LEU A 94 1.68 1.67 -18.50
CA LEU A 94 2.19 0.31 -18.20
C LEU A 94 1.04 -0.67 -18.30
N GLY A 95 0.04 -0.50 -17.44
CA GLY A 95 -1.11 -1.40 -17.42
C GLY A 95 -2.07 -1.08 -18.56
N ILE A 96 -2.65 -2.14 -19.13
CA ILE A 96 -3.71 -2.06 -20.13
C ILE A 96 -5.04 -2.19 -19.39
N PRO A 97 -6.18 -1.99 -20.05
CA PRO A 97 -7.46 -2.09 -19.35
C PRO A 97 -7.95 -3.52 -19.30
N HIS A 98 -8.85 -3.75 -18.38
CA HIS A 98 -9.29 -5.14 -18.32
C HIS A 98 -10.59 -5.31 -19.07
N PRO A 99 -10.66 -6.24 -20.01
CA PRO A 99 -11.91 -6.46 -20.74
C PRO A 99 -13.15 -6.45 -19.86
N ALA A 100 -13.06 -6.94 -18.63
CA ALA A 100 -14.23 -6.93 -17.75
C ALA A 100 -14.69 -5.51 -17.40
N GLY A 101 -13.83 -4.50 -17.58
CA GLY A 101 -14.21 -3.13 -17.27
C GLY A 101 -14.78 -2.30 -18.42
N LEU A 102 -15.00 -2.91 -19.59
CA LEU A 102 -15.56 -2.26 -20.75
C LEU A 102 -17.08 -2.27 -20.72
N LYS A 103 -17.67 -1.16 -21.16
CA LYS A 103 -19.11 -1.10 -21.30
C LYS A 103 -19.46 -1.58 -22.70
N LYS A 104 -20.43 -2.49 -22.78
CA LYS A 104 -20.86 -3.03 -24.07
C LYS A 104 -21.20 -1.88 -25.03
N LYS A 105 -20.71 -1.98 -26.26
CA LYS A 105 -20.98 -0.98 -27.28
C LYS A 105 -21.71 -1.60 -28.47
N LYS A 106 -22.48 -0.76 -29.19
CA LYS A 106 -23.21 -1.24 -30.35
C LYS A 106 -22.27 -1.49 -31.53
N SER A 107 -21.29 -0.63 -31.72
CA SER A 107 -20.38 -0.79 -32.83
C SER A 107 -19.01 -0.33 -32.39
N VAL A 108 -17.99 -1.02 -32.87
CA VAL A 108 -16.63 -0.81 -32.38
C VAL A 108 -15.66 -1.02 -33.52
N THR A 109 -14.75 -0.07 -33.70
CA THR A 109 -13.80 -0.09 -34.81
C THR A 109 -12.39 -0.02 -34.27
N VAL A 110 -11.51 -0.83 -34.85
CA VAL A 110 -10.10 -0.81 -34.52
C VAL A 110 -9.35 -0.11 -35.63
N LEU A 111 -8.62 0.93 -35.26
CA LEU A 111 -7.80 1.68 -36.21
C LEU A 111 -6.35 1.56 -35.78
N ASP A 112 -5.51 1.07 -36.68
CA ASP A 112 -4.06 1.05 -36.47
C ASP A 112 -3.44 2.28 -37.13
N VAL A 113 -2.70 3.06 -36.36
CA VAL A 113 -1.92 4.15 -36.91
C VAL A 113 -0.69 3.60 -37.61
N GLY A 114 -0.63 3.79 -38.93
CA GLY A 114 0.58 3.45 -39.66
C GLY A 114 1.71 4.40 -39.36
N ASP A 115 2.94 3.88 -39.38
CA ASP A 115 4.14 4.69 -39.12
C ASP A 115 3.92 5.73 -38.03
N ALA A 116 3.18 5.39 -36.98
CA ALA A 116 2.89 6.34 -35.92
C ALA A 116 4.11 7.20 -35.53
N TYR A 117 5.19 6.59 -35.02
CA TYR A 117 6.25 7.46 -34.50
C TYR A 117 6.81 8.39 -35.58
N PHE A 118 6.97 7.91 -36.80
CA PHE A 118 7.61 8.75 -37.83
C PHE A 118 6.74 9.93 -38.23
N SER A 119 5.44 9.86 -37.94
CA SER A 119 4.51 10.94 -38.18
C SER A 119 4.65 12.09 -37.19
N VAL A 120 5.51 12.00 -36.18
CA VAL A 120 5.56 13.09 -35.21
C VAL A 120 6.93 13.76 -35.21
N PRO A 121 6.98 15.08 -35.18
CA PRO A 121 8.27 15.75 -35.22
C PRO A 121 9.04 15.54 -33.93
N LEU A 122 10.36 15.61 -34.08
CA LEU A 122 11.29 15.57 -32.97
C LEU A 122 11.69 16.99 -32.59
N ASP A 123 11.89 17.23 -31.29
CA ASP A 123 12.36 18.54 -30.86
C ASP A 123 13.61 18.93 -31.63
N GLU A 124 13.65 20.20 -32.06
CA GLU A 124 14.73 20.68 -32.91
C GLU A 124 16.12 20.52 -32.27
N ASP A 125 16.34 21.14 -31.11
CA ASP A 125 17.68 21.12 -30.52
C ASP A 125 18.13 19.73 -30.13
N PHE A 126 17.22 18.77 -30.09
CA PHE A 126 17.58 17.42 -29.78
C PHE A 126 17.88 16.58 -31.01
N ARG A 127 17.67 17.10 -32.21
CA ARG A 127 17.92 16.32 -33.42
C ARG A 127 19.38 15.94 -33.58
N LYS A 128 20.30 16.85 -33.24
CA LYS A 128 21.72 16.61 -33.50
C LYS A 128 22.21 15.30 -32.89
N TYR A 129 21.61 14.89 -31.78
CA TYR A 129 22.04 13.68 -31.09
C TYR A 129 21.50 12.40 -31.72
N THR A 130 20.73 12.47 -32.80
CA THR A 130 20.27 11.25 -33.47
C THR A 130 21.15 10.86 -34.65
N ALA A 131 22.23 11.58 -34.91
CA ALA A 131 23.01 11.35 -36.12
C ALA A 131 23.32 9.86 -36.28
N PHE A 132 23.23 9.37 -37.51
CA PHE A 132 23.74 8.05 -37.83
C PHE A 132 24.50 8.14 -39.15
N THR A 133 24.97 6.99 -39.65
CA THR A 133 25.85 6.99 -40.81
C THR A 133 25.67 5.72 -41.64
N ILE A 134 25.43 5.87 -42.93
CA ILE A 134 25.47 4.74 -43.86
C ILE A 134 26.92 4.57 -44.31
N PRO A 135 27.53 3.41 -44.07
CA PRO A 135 28.93 3.23 -44.47
C PRO A 135 29.10 3.19 -45.98
N SER A 136 30.18 3.82 -46.46
CA SER A 136 30.56 3.67 -47.85
C SER A 136 31.16 2.28 -48.06
N ILE A 137 31.17 1.85 -49.32
CA ILE A 137 31.68 0.52 -49.65
C ILE A 137 33.18 0.50 -49.34
N ASN A 138 33.57 -0.26 -48.32
CA ASN A 138 34.98 -0.46 -47.95
C ASN A 138 35.68 0.85 -47.55
N ASN A 139 34.95 1.74 -46.88
CA ASN A 139 35.51 2.97 -46.33
C ASN A 139 36.23 3.81 -47.38
N GLU A 140 35.97 3.54 -48.67
CA GLU A 140 36.64 4.26 -49.72
C GLU A 140 36.45 5.76 -49.56
N THR A 141 35.21 6.23 -49.66
CA THR A 141 34.85 7.62 -49.43
C THR A 141 34.07 7.75 -48.13
N PRO A 142 33.91 8.98 -47.61
CA PRO A 142 33.08 9.15 -46.42
C PRO A 142 31.67 8.63 -46.66
N GLY A 143 31.10 8.04 -45.62
CA GLY A 143 29.70 7.67 -45.64
C GLY A 143 28.81 8.90 -45.58
N ILE A 144 27.51 8.65 -45.58
CA ILE A 144 26.52 9.72 -45.64
C ILE A 144 25.92 9.93 -44.26
N ARG A 145 26.06 11.15 -43.73
CA ARG A 145 25.44 11.51 -42.46
C ARG A 145 23.96 11.82 -42.66
N TYR A 146 23.14 11.42 -41.69
CA TYR A 146 21.74 11.78 -41.63
C TYR A 146 21.41 12.15 -40.20
N GLN A 147 20.18 12.58 -39.97
CA GLN A 147 19.68 12.76 -38.61
C GLN A 147 18.17 12.71 -38.68
N TYR A 148 17.54 12.47 -37.55
CA TYR A 148 16.10 12.28 -37.53
C TYR A 148 15.39 13.63 -37.35
N ASN A 149 14.23 13.76 -37.99
CA ASN A 149 13.34 14.89 -37.76
C ASN A 149 12.06 14.47 -37.08
N VAL A 150 11.88 13.20 -36.81
CA VAL A 150 10.70 12.71 -36.15
C VAL A 150 11.13 11.73 -35.07
N LEU A 151 10.14 11.18 -34.36
CA LEU A 151 10.41 10.23 -33.29
C LEU A 151 11.08 9.00 -33.88
N PRO A 152 12.35 8.76 -33.59
CA PRO A 152 12.99 7.51 -34.04
C PRO A 152 12.35 6.29 -33.38
N GLN A 153 12.23 5.21 -34.15
CA GLN A 153 11.75 3.96 -33.57
C GLN A 153 12.84 3.36 -32.69
N GLY A 154 12.46 2.94 -31.48
CA GLY A 154 13.44 2.49 -30.50
C GLY A 154 14.16 3.59 -29.74
N TRP A 155 13.72 4.82 -29.81
CA TRP A 155 14.29 5.80 -28.90
C TRP A 155 13.41 5.85 -27.66
N LYS A 156 13.98 6.40 -26.58
CA LYS A 156 13.37 6.35 -25.25
C LYS A 156 12.17 7.29 -25.12
N GLY A 157 12.22 8.44 -25.80
CA GLY A 157 11.11 9.39 -25.77
C GLY A 157 9.93 9.03 -26.65
N SER A 158 10.13 8.25 -27.70
CA SER A 158 9.05 8.06 -28.68
C SER A 158 7.72 7.62 -28.08
N PRO A 159 7.64 6.67 -27.17
CA PRO A 159 6.30 6.24 -26.78
C PRO A 159 5.52 7.30 -26.04
N ALA A 160 6.15 8.05 -25.14
CA ALA A 160 5.41 9.00 -24.30
C ALA A 160 5.11 10.26 -25.08
N ILE A 161 6.06 10.68 -25.91
CA ILE A 161 5.84 11.85 -26.72
C ILE A 161 4.83 11.56 -27.81
N PHE A 162 4.89 10.38 -28.43
CA PHE A 162 3.87 10.06 -29.41
C PHE A 162 2.50 10.04 -28.77
N GLN A 163 2.34 9.30 -27.69
CA GLN A 163 1.05 9.22 -27.05
C GLN A 163 0.55 10.60 -26.68
N SER A 164 1.45 11.46 -26.21
CA SER A 164 1.03 12.80 -25.86
C SER A 164 0.48 13.52 -27.07
N SER A 165 1.26 13.55 -28.15
CA SER A 165 0.81 14.15 -29.38
C SER A 165 -0.56 13.59 -29.75
N MET A 166 -0.71 12.28 -29.72
CA MET A 166 -1.96 11.67 -30.14
C MET A 166 -3.11 12.21 -29.32
N THR A 167 -2.92 12.31 -28.01
CA THR A 167 -4.00 12.80 -27.16
C THR A 167 -4.48 14.17 -27.60
N LYS A 168 -3.55 15.11 -27.82
CA LYS A 168 -3.92 16.47 -28.23
C LYS A 168 -4.60 16.44 -29.59
N ILE A 169 -3.98 15.75 -30.56
CA ILE A 169 -4.63 15.59 -31.86
C ILE A 169 -6.06 15.12 -31.69
N LEU A 170 -6.32 14.25 -30.72
CA LEU A 170 -7.69 13.76 -30.58
C LEU A 170 -8.62 14.82 -30.00
N GLU A 171 -8.13 15.61 -29.03
CA GLU A 171 -8.94 16.52 -28.22
C GLU A 171 -10.03 17.25 -29.01
N PRO A 172 -9.67 18.02 -30.04
CA PRO A 172 -10.71 18.77 -30.77
C PRO A 172 -11.82 17.87 -31.31
N PHE A 173 -11.49 16.67 -31.80
CA PHE A 173 -12.51 15.79 -32.35
C PHE A 173 -13.46 15.28 -31.26
N ALA A 174 -12.94 14.91 -30.09
CA ALA A 174 -13.81 14.41 -29.04
C ALA A 174 -14.53 15.53 -28.30
N ALA A 175 -14.22 16.79 -28.61
CA ALA A 175 -15.03 17.91 -28.14
C ALA A 175 -16.31 18.05 -28.96
N GLN A 176 -16.26 17.74 -30.24
CA GLN A 176 -17.41 17.82 -31.12
C GLN A 176 -18.13 16.48 -31.27
N ASN A 177 -17.79 15.46 -30.45
CA ASN A 177 -18.45 14.15 -30.47
C ASN A 177 -18.45 13.49 -29.10
N PRO A 178 -19.09 14.11 -28.10
CA PRO A 178 -19.15 13.47 -26.77
C PRO A 178 -19.79 12.08 -26.76
N ASP A 179 -20.41 11.66 -27.86
CA ASP A 179 -21.08 10.37 -27.95
C ASP A 179 -20.16 9.23 -28.35
N ILE A 180 -18.92 9.51 -28.67
CA ILE A 180 -18.02 8.50 -29.21
C ILE A 180 -16.90 8.24 -28.21
N VAL A 181 -16.59 6.97 -27.99
CA VAL A 181 -15.66 6.54 -26.97
C VAL A 181 -14.39 6.07 -27.65
N ILE A 182 -13.26 6.64 -27.26
CA ILE A 182 -11.99 6.31 -27.86
C ILE A 182 -11.01 5.89 -26.78
N TYR A 183 -10.38 4.75 -27.02
CA TYR A 183 -9.24 4.30 -26.27
C TYR A 183 -8.04 4.42 -27.19
N GLN A 184 -6.91 4.90 -26.64
CA GLN A 184 -5.64 4.80 -27.33
C GLN A 184 -4.76 3.86 -26.51
N TYR A 185 -4.14 2.90 -27.19
CA TYR A 185 -3.21 1.97 -26.61
C TYR A 185 -2.12 1.70 -27.64
N MET A 186 -0.93 2.21 -27.36
CA MET A 186 0.20 2.03 -28.29
C MET A 186 -0.16 2.67 -29.64
N ASP A 187 0.26 2.07 -30.75
CA ASP A 187 -0.05 2.60 -32.07
C ASP A 187 -1.49 2.37 -32.47
N ASP A 188 -2.37 1.95 -31.57
CA ASP A 188 -3.73 1.64 -31.97
C ASP A 188 -4.73 2.61 -31.36
N LEU A 189 -5.92 2.65 -31.96
CA LEU A 189 -7.06 3.38 -31.44
C LEU A 189 -8.26 2.47 -31.54
N TYR A 190 -9.05 2.39 -30.48
CA TYR A 190 -10.26 1.58 -30.47
C TYR A 190 -11.42 2.54 -30.30
N VAL A 191 -12.29 2.61 -31.30
CA VAL A 191 -13.35 3.60 -31.31
C VAL A 191 -14.68 2.86 -31.35
N GLY A 192 -15.58 3.26 -30.48
CA GLY A 192 -16.86 2.59 -30.39
C GLY A 192 -17.95 3.62 -30.26
N SER A 193 -19.15 3.19 -30.62
CA SER A 193 -20.30 4.07 -30.50
C SER A 193 -21.55 3.23 -30.37
N ASP A 194 -22.62 3.90 -29.96
CA ASP A 194 -23.94 3.32 -30.04
C ASP A 194 -24.78 3.98 -31.13
N LEU A 195 -24.21 4.84 -31.97
CA LEU A 195 -24.93 5.37 -33.12
C LEU A 195 -25.21 4.25 -34.12
N GLU A 196 -26.15 4.51 -35.02
CA GLU A 196 -26.53 3.51 -36.02
C GLU A 196 -25.34 3.15 -36.91
N ILE A 197 -25.13 1.85 -37.13
CA ILE A 197 -23.93 1.33 -37.79
C ILE A 197 -23.69 2.06 -39.10
N GLY A 198 -24.72 2.71 -39.64
CA GLY A 198 -24.58 3.51 -40.83
C GLY A 198 -23.83 4.80 -40.57
N GLN A 199 -24.37 5.59 -39.64
CA GLN A 199 -23.71 6.87 -39.28
C GLN A 199 -22.40 6.56 -38.56
N HIS A 200 -22.39 5.54 -37.70
CA HIS A 200 -21.14 5.13 -37.06
C HIS A 200 -20.02 5.02 -38.09
N ARG A 201 -20.32 4.49 -39.29
CA ARG A 201 -19.31 4.41 -40.34
C ARG A 201 -18.92 5.80 -40.84
N THR A 202 -19.83 6.76 -40.66
CA THR A 202 -19.56 8.15 -41.10
C THR A 202 -18.59 8.77 -40.09
N LYS A 203 -18.92 8.66 -38.80
CA LYS A 203 -18.05 9.25 -37.79
C LYS A 203 -16.66 8.62 -37.83
N ILE A 204 -16.58 7.32 -38.13
CA ILE A 204 -15.27 6.71 -38.32
C ILE A 204 -14.57 7.39 -39.49
N GLU A 205 -15.33 7.69 -40.55
CA GLU A 205 -14.77 8.36 -41.71
C GLU A 205 -14.33 9.79 -41.37
N GLU A 206 -15.16 10.53 -40.63
CA GLU A 206 -14.75 11.85 -40.15
C GLU A 206 -13.39 11.78 -39.47
N LEU A 207 -13.28 10.97 -38.41
CA LEU A 207 -12.08 10.95 -37.58
C LEU A 207 -10.86 10.58 -38.41
N ARG A 208 -10.98 9.57 -39.27
CA ARG A 208 -9.84 9.21 -40.13
C ARG A 208 -9.30 10.45 -40.83
N GLN A 209 -10.20 11.25 -41.42
CA GLN A 209 -9.83 12.47 -42.12
C GLN A 209 -9.17 13.46 -41.17
N HIS A 210 -9.79 13.69 -40.01
CA HIS A 210 -9.20 14.54 -38.97
C HIS A 210 -7.78 14.11 -38.61
N LEU A 211 -7.54 12.79 -38.53
CA LEU A 211 -6.19 12.32 -38.25
C LEU A 211 -5.27 12.50 -39.47
N LEU A 212 -5.82 12.27 -40.66
CA LEU A 212 -5.02 12.50 -41.87
C LEU A 212 -4.59 13.95 -41.98
N ARG A 213 -5.47 14.88 -41.61
CA ARG A 213 -5.11 16.31 -41.59
C ARG A 213 -4.01 16.60 -40.60
N TRP A 214 -3.82 15.75 -39.61
CA TRP A 214 -2.74 15.90 -38.65
C TRP A 214 -1.55 15.01 -38.96
N GLY A 215 -1.66 14.13 -39.95
CA GLY A 215 -0.53 13.37 -40.43
C GLY A 215 -0.62 11.89 -40.13
N LEU A 216 -1.76 11.43 -39.65
CA LEU A 216 -1.93 10.06 -39.18
C LEU A 216 -2.72 9.28 -40.23
N THR A 217 -1.99 8.49 -40.99
CA THR A 217 -2.58 7.53 -41.91
C THR A 217 -3.28 6.41 -41.13
N THR A 218 -4.36 5.86 -41.69
CA THR A 218 -5.14 4.85 -40.97
C THR A 218 -5.74 3.81 -41.93
N PRO A 219 -6.38 2.74 -41.43
CA PRO A 219 -6.97 1.74 -42.33
C PRO A 219 -8.33 2.16 -42.86
N ASP A 220 -8.82 1.40 -43.84
CA ASP A 220 -10.08 1.66 -44.51
C ASP A 220 -11.14 0.69 -44.02
N LYS A 221 -12.40 0.94 -44.40
CA LYS A 221 -13.45 -0.03 -44.11
C LYS A 221 -13.12 -1.40 -44.68
N LYS A 222 -12.37 -1.45 -45.80
CA LYS A 222 -11.95 -2.74 -46.32
C LYS A 222 -10.85 -3.38 -45.47
N HIS A 223 -10.05 -2.57 -44.75
CA HIS A 223 -8.88 -3.09 -44.06
C HIS A 223 -8.94 -3.02 -42.54
N GLN A 224 -9.96 -2.36 -41.97
CA GLN A 224 -10.15 -2.34 -40.52
C GLN A 224 -10.38 -3.74 -39.98
N LYS A 225 -9.71 -4.06 -38.88
CA LYS A 225 -9.79 -5.40 -38.30
C LYS A 225 -11.22 -5.71 -37.89
N GLU A 226 -11.57 -7.00 -37.92
CA GLU A 226 -12.92 -7.45 -37.60
C GLU A 226 -12.91 -8.37 -36.38
N PRO A 227 -14.07 -8.51 -35.71
CA PRO A 227 -14.12 -9.36 -34.51
C PRO A 227 -14.14 -10.82 -34.86
N PRO A 228 -13.65 -11.70 -33.96
CA PRO A 228 -13.23 -11.44 -32.59
C PRO A 228 -11.83 -10.87 -32.55
N PHE A 229 -11.48 -10.09 -31.53
CA PHE A 229 -10.26 -9.32 -31.55
C PHE A 229 -9.18 -10.03 -30.75
N LEU A 230 -8.09 -10.40 -31.41
CA LEU A 230 -6.95 -11.05 -30.75
C LEU A 230 -6.05 -9.94 -30.22
N TRP A 231 -6.32 -9.53 -28.97
CA TRP A 231 -5.69 -8.35 -28.38
C TRP A 231 -5.18 -8.63 -26.97
N MET A 232 -3.86 -8.79 -26.84
CA MET A 232 -3.21 -8.88 -25.54
C MET A 232 -3.62 -10.16 -24.80
N GLY A 233 -3.49 -11.29 -25.47
CA GLY A 233 -3.91 -12.55 -24.88
C GLY A 233 -5.40 -12.65 -24.61
N TYR A 234 -6.21 -11.82 -25.25
CA TYR A 234 -7.64 -11.93 -25.04
C TYR A 234 -8.33 -12.22 -26.37
N GLU A 235 -9.57 -12.65 -26.26
CA GLU A 235 -10.51 -12.66 -27.36
C GLU A 235 -11.67 -11.79 -26.93
N LEU A 236 -11.92 -10.73 -27.69
CA LEU A 236 -13.03 -9.81 -27.46
C LEU A 236 -14.10 -10.12 -28.49
N HIS A 237 -15.17 -10.70 -28.03
CA HIS A 237 -16.32 -10.87 -28.90
C HIS A 237 -17.32 -9.75 -28.67
N PRO A 238 -18.24 -9.53 -29.61
CA PRO A 238 -19.19 -8.42 -29.47
C PRO A 238 -20.03 -8.51 -28.22
N ASP A 239 -20.33 -9.71 -27.72
CA ASP A 239 -21.13 -9.86 -26.52
C ASP A 239 -20.35 -10.47 -25.36
N LYS A 240 -19.12 -10.94 -25.58
CA LYS A 240 -18.42 -11.68 -24.56
C LYS A 240 -16.92 -11.55 -24.79
N TRP A 241 -16.16 -11.85 -23.74
CA TRP A 241 -14.71 -11.81 -23.76
C TRP A 241 -14.17 -13.07 -23.09
N THR A 242 -13.00 -13.49 -23.52
CA THR A 242 -12.35 -14.65 -22.92
C THR A 242 -10.87 -14.56 -23.26
N VAL A 243 -10.07 -15.31 -22.50
CA VAL A 243 -8.63 -15.39 -22.75
C VAL A 243 -8.42 -16.14 -24.05
N GLN A 244 -7.21 -16.09 -24.57
CA GLN A 244 -6.85 -16.96 -25.67
C GLN A 244 -6.49 -18.33 -25.14
N PRO A 245 -6.54 -19.37 -26.00
CA PRO A 245 -6.48 -20.74 -25.49
C PRO A 245 -5.17 -21.03 -24.77
N ILE A 246 -5.28 -21.65 -23.60
CA ILE A 246 -4.12 -21.97 -22.78
C ILE A 246 -3.66 -23.39 -23.09
N VAL A 247 -2.37 -23.55 -23.35
CA VAL A 247 -1.81 -24.85 -23.66
C VAL A 247 -0.65 -25.08 -22.69
N LEU A 248 -0.80 -26.08 -21.81
CA LEU A 248 0.16 -26.40 -20.76
C LEU A 248 0.99 -27.59 -21.18
N PRO A 249 2.31 -27.47 -21.24
CA PRO A 249 3.13 -28.58 -21.76
C PRO A 249 3.05 -29.83 -20.90
N GLU A 250 3.26 -30.98 -21.53
CA GLU A 250 3.42 -32.25 -20.84
C GLU A 250 4.88 -32.66 -20.94
N LYS A 251 5.54 -32.80 -19.78
CA LYS A 251 6.96 -33.10 -19.74
C LYS A 251 7.23 -34.12 -18.63
N ASP A 252 8.33 -34.86 -18.78
CA ASP A 252 8.75 -35.77 -17.73
C ASP A 252 9.63 -35.09 -16.70
N SER A 253 10.40 -34.10 -17.11
CA SER A 253 11.17 -33.28 -16.18
C SER A 253 10.75 -31.83 -16.33
N TRP A 254 10.88 -31.09 -15.22
CA TRP A 254 10.53 -29.68 -15.17
C TRP A 254 11.70 -28.92 -14.57
N THR A 255 12.13 -27.87 -15.27
CA THR A 255 13.12 -26.96 -14.75
C THR A 255 12.42 -25.83 -13.98
N VAL A 256 13.23 -24.99 -13.33
CA VAL A 256 12.66 -23.79 -12.72
C VAL A 256 11.98 -22.95 -13.78
N ASN A 257 12.59 -22.85 -14.97
CA ASN A 257 12.00 -22.02 -16.02
C ASN A 257 10.66 -22.57 -16.47
N ASP A 258 10.57 -23.89 -16.64
CA ASP A 258 9.32 -24.49 -17.10
C ASP A 258 8.19 -24.24 -16.12
N ILE A 259 8.51 -24.29 -14.82
CA ILE A 259 7.48 -24.08 -13.81
C ILE A 259 7.08 -22.61 -13.73
N GLN A 260 8.03 -21.69 -13.93
CA GLN A 260 7.66 -20.28 -13.95
C GLN A 260 6.69 -20.01 -15.09
N LYS A 261 7.02 -20.46 -16.30
CA LYS A 261 6.12 -20.23 -17.43
C LYS A 261 4.75 -20.83 -17.16
N LEU A 262 4.71 -21.88 -16.33
CA LEU A 262 3.51 -22.66 -16.10
C LEU A 262 2.55 -21.96 -15.15
N VAL A 263 3.06 -21.48 -14.01
CA VAL A 263 2.19 -20.74 -13.12
C VAL A 263 1.72 -19.47 -13.79
N GLY A 264 2.56 -18.90 -14.67
CA GLY A 264 2.15 -17.75 -15.44
C GLY A 264 0.86 -18.01 -16.18
N LYS A 265 0.87 -19.06 -17.02
CA LYS A 265 -0.32 -19.38 -17.81
C LYS A 265 -1.52 -19.69 -16.94
N LEU A 266 -1.29 -20.36 -15.80
CA LEU A 266 -2.36 -20.63 -14.85
C LEU A 266 -2.87 -19.35 -14.20
N ASN A 267 -1.95 -18.50 -13.74
CA ASN A 267 -2.33 -17.16 -13.29
C ASN A 267 -3.17 -16.46 -14.34
N TRP A 268 -2.69 -16.45 -15.58
CA TRP A 268 -3.50 -15.93 -16.65
C TRP A 268 -4.91 -16.50 -16.59
N ALA A 269 -5.04 -17.81 -16.75
CA ALA A 269 -6.37 -18.34 -17.01
C ALA A 269 -7.33 -18.09 -15.85
N SER A 270 -6.83 -17.85 -14.64
CA SER A 270 -7.72 -17.77 -13.47
C SER A 270 -8.60 -16.51 -13.47
N GLN A 271 -8.30 -15.54 -14.34
CA GLN A 271 -9.17 -14.37 -14.43
C GLN A 271 -10.53 -14.66 -15.06
N ILE A 272 -10.68 -15.76 -15.78
CA ILE A 272 -11.99 -16.20 -16.25
C ILE A 272 -12.32 -17.65 -15.92
N TYR A 273 -11.33 -18.53 -15.70
CA TYR A 273 -11.61 -19.94 -15.35
C TYR A 273 -11.72 -20.09 -13.84
N PRO A 274 -12.94 -20.15 -13.31
CA PRO A 274 -13.08 -20.33 -11.85
C PRO A 274 -12.41 -21.62 -11.43
N GLY A 275 -11.64 -21.55 -10.35
CA GLY A 275 -11.09 -22.73 -9.73
C GLY A 275 -9.61 -22.97 -9.91
N ILE A 276 -8.89 -22.21 -10.76
CA ILE A 276 -7.46 -22.47 -10.89
C ILE A 276 -6.80 -22.41 -9.53
N LYS A 277 -5.87 -23.33 -9.29
CA LYS A 277 -5.01 -23.32 -8.11
C LYS A 277 -3.57 -23.44 -8.55
N VAL A 278 -2.67 -22.79 -7.82
CA VAL A 278 -1.25 -22.82 -8.17
C VAL A 278 -0.36 -22.96 -6.94
N ARG A 279 -0.96 -23.13 -5.75
CA ARG A 279 -0.18 -22.99 -4.51
C ARG A 279 0.92 -24.06 -4.41
N GLN A 280 0.58 -25.33 -4.60
CA GLN A 280 1.59 -26.38 -4.53
C GLN A 280 2.61 -26.27 -5.67
N LEU A 281 2.17 -25.81 -6.85
CA LEU A 281 3.10 -25.60 -7.95
C LEU A 281 4.12 -24.51 -7.62
N SER A 282 3.63 -23.44 -6.99
CA SER A 282 4.52 -22.31 -6.62
C SER A 282 5.46 -22.75 -5.50
N LYS A 283 4.93 -23.47 -4.51
CA LYS A 283 5.79 -23.98 -3.45
C LYS A 283 7.05 -24.61 -4.04
N LEU A 284 6.97 -25.14 -5.26
CA LEU A 284 8.14 -25.69 -5.94
C LEU A 284 9.17 -24.59 -6.23
N LEU A 285 8.70 -23.40 -6.57
CA LEU A 285 9.58 -22.28 -6.90
C LEU A 285 10.12 -21.57 -5.67
N ARG A 286 9.77 -22.04 -4.46
CA ARG A 286 10.43 -21.54 -3.26
C ARG A 286 11.92 -21.79 -3.30
N GLY A 287 12.36 -22.71 -4.16
CA GLY A 287 13.78 -22.94 -4.35
C GLY A 287 14.52 -21.74 -4.90
N THR A 288 13.87 -20.98 -5.79
CA THR A 288 14.42 -19.72 -6.31
C THR A 288 15.92 -19.85 -6.61
N LYS A 289 16.24 -20.75 -7.55
CA LYS A 289 17.63 -20.94 -7.96
C LYS A 289 17.75 -20.79 -9.48
N ALA A 290 18.89 -21.16 -10.05
CA ALA A 290 19.05 -21.06 -11.48
C ALA A 290 17.84 -21.64 -12.21
N LEU A 291 17.46 -21.01 -13.32
CA LEU A 291 16.23 -21.35 -14.02
C LEU A 291 16.31 -22.72 -14.72
N THR A 292 17.50 -23.29 -14.87
CA THR A 292 17.64 -24.58 -15.52
C THR A 292 17.59 -25.76 -14.56
N GLU A 293 17.76 -25.52 -13.26
CA GLU A 293 17.73 -26.60 -12.27
C GLU A 293 16.41 -27.36 -12.35
N VAL A 294 16.51 -28.69 -12.31
CA VAL A 294 15.33 -29.53 -12.40
C VAL A 294 14.71 -29.71 -11.03
N ILE A 295 13.39 -29.59 -10.97
CA ILE A 295 12.62 -29.65 -9.73
C ILE A 295 11.75 -30.90 -9.78
N PRO A 296 12.00 -31.89 -8.92
CA PRO A 296 11.11 -33.06 -8.89
C PRO A 296 9.73 -32.63 -8.43
N LEU A 297 8.73 -32.87 -9.28
CA LEU A 297 7.36 -32.45 -8.95
C LEU A 297 6.84 -33.27 -7.77
N THR A 298 6.12 -32.63 -6.86
CA THR A 298 5.53 -33.32 -5.73
C THR A 298 4.19 -33.95 -6.11
N GLU A 299 3.73 -34.85 -5.23
CA GLU A 299 2.43 -35.49 -5.45
C GLU A 299 1.31 -34.45 -5.38
N GLU A 300 1.45 -33.48 -4.48
CA GLU A 300 0.48 -32.39 -4.42
C GLU A 300 0.53 -31.56 -5.69
N ALA A 301 1.73 -31.28 -6.19
CA ALA A 301 1.88 -30.57 -7.45
C ALA A 301 1.23 -31.33 -8.61
N GLU A 302 1.39 -32.66 -8.64
CA GLU A 302 0.83 -33.46 -9.73
C GLU A 302 -0.70 -33.41 -9.72
N LEU A 303 -1.30 -33.44 -8.53
CA LEU A 303 -2.76 -33.44 -8.43
C LEU A 303 -3.33 -32.08 -8.79
N GLU A 304 -2.62 -31.01 -8.40
CA GLU A 304 -3.07 -29.65 -8.68
C GLU A 304 -3.10 -29.38 -10.18
N LEU A 305 -1.99 -29.69 -10.86
CA LEU A 305 -1.91 -29.54 -12.30
C LEU A 305 -2.88 -30.45 -13.02
N ALA A 306 -3.13 -31.64 -12.49
CA ALA A 306 -4.14 -32.48 -13.12
C ALA A 306 -5.53 -31.85 -13.00
N GLU A 307 -5.84 -31.29 -11.83
CA GLU A 307 -7.13 -30.62 -11.68
C GLU A 307 -7.22 -29.36 -12.54
N ASN A 308 -6.10 -28.66 -12.75
CA ASN A 308 -6.09 -27.50 -13.65
C ASN A 308 -6.43 -27.93 -15.08
N ARG A 309 -5.83 -29.04 -15.53
CA ARG A 309 -6.13 -29.53 -16.89
C ARG A 309 -7.60 -29.86 -17.04
N GLU A 310 -8.23 -30.37 -15.98
CA GLU A 310 -9.65 -30.69 -16.05
C GLU A 310 -10.47 -29.43 -16.32
N ILE A 311 -10.20 -28.35 -15.58
CA ILE A 311 -10.95 -27.11 -15.72
C ILE A 311 -10.72 -26.48 -17.09
N LEU A 312 -9.46 -26.44 -17.52
CA LEU A 312 -9.12 -25.90 -18.84
C LEU A 312 -9.69 -26.73 -19.97
N LYS A 313 -10.25 -27.91 -19.67
CA LYS A 313 -10.91 -28.70 -20.70
C LYS A 313 -12.18 -28.01 -21.20
N GLU A 314 -12.86 -27.27 -20.33
CA GLU A 314 -14.07 -26.55 -20.71
C GLU A 314 -13.73 -25.19 -21.32
N PRO A 315 -14.62 -24.60 -22.11
CA PRO A 315 -14.43 -23.21 -22.48
C PRO A 315 -15.26 -22.30 -21.58
N VAL A 316 -14.72 -21.12 -21.24
CA VAL A 316 -15.46 -20.13 -20.48
C VAL A 316 -15.38 -18.81 -21.23
N HIS A 317 -16.24 -17.86 -20.81
CA HIS A 317 -16.20 -16.50 -21.33
C HIS A 317 -16.64 -15.55 -20.22
N GLY A 318 -16.24 -14.29 -20.33
CA GLY A 318 -16.72 -13.25 -19.45
C GLY A 318 -17.56 -12.25 -20.22
N VAL A 319 -18.29 -11.43 -19.44
CA VAL A 319 -19.19 -10.44 -20.01
C VAL A 319 -18.70 -9.04 -19.67
N TYR A 320 -19.19 -8.08 -20.45
CA TYR A 320 -18.83 -6.68 -20.36
C TYR A 320 -19.61 -6.00 -19.22
N TYR A 321 -19.30 -4.72 -19.00
CA TYR A 321 -19.78 -4.03 -17.82
C TYR A 321 -20.94 -3.11 -18.16
N ASP A 322 -21.87 -3.01 -17.22
CA ASP A 322 -23.09 -2.22 -17.36
C ASP A 322 -23.21 -1.35 -16.12
N PRO A 323 -22.84 -0.07 -16.21
CA PRO A 323 -22.80 0.77 -15.01
C PRO A 323 -24.12 0.83 -14.27
N SER A 324 -25.23 0.46 -14.89
CA SER A 324 -26.50 0.60 -14.21
C SER A 324 -26.91 -0.62 -13.39
N LYS A 325 -26.22 -1.76 -13.53
CA LYS A 325 -26.47 -2.95 -12.74
C LYS A 325 -25.54 -3.03 -11.53
N ASP A 326 -26.01 -3.67 -10.47
CA ASP A 326 -25.18 -3.82 -9.28
C ASP A 326 -23.88 -4.53 -9.60
N LEU A 327 -22.92 -4.38 -8.68
CA LEU A 327 -21.63 -5.09 -8.75
C LEU A 327 -21.52 -6.05 -7.56
N ILE A 328 -21.33 -7.33 -7.82
CA ILE A 328 -21.47 -8.33 -6.78
C ILE A 328 -20.32 -9.33 -6.87
N ALA A 329 -19.82 -9.74 -5.69
CA ALA A 329 -18.68 -10.65 -5.54
C ALA A 329 -19.03 -11.79 -4.57
N GLU A 330 -18.69 -13.00 -4.98
CA GLU A 330 -18.80 -14.21 -4.15
C GLU A 330 -17.44 -14.88 -3.99
N ILE A 331 -17.22 -15.45 -2.81
CA ILE A 331 -15.97 -16.12 -2.50
C ILE A 331 -16.27 -17.54 -2.03
N GLN A 332 -15.44 -18.48 -2.48
CA GLN A 332 -15.58 -19.88 -2.07
C GLN A 332 -14.24 -20.40 -1.58
N LYS A 333 -14.27 -21.26 -0.56
CA LYS A 333 -13.06 -21.98 -0.16
C LYS A 333 -12.75 -23.08 -1.17
N GLN A 334 -11.48 -23.28 -1.47
CA GLN A 334 -11.14 -24.24 -2.54
C GLN A 334 -10.19 -25.27 -1.95
N GLY A 335 -9.92 -25.15 -0.66
CA GLY A 335 -8.97 -26.07 -0.03
C GLY A 335 -8.04 -25.30 0.89
N GLN A 336 -7.35 -26.03 1.76
CA GLN A 336 -6.45 -25.38 2.74
C GLN A 336 -5.70 -24.23 2.08
N GLY A 337 -5.94 -23.00 2.55
CA GLY A 337 -5.17 -21.84 2.06
C GLY A 337 -5.65 -21.34 0.73
N GLN A 338 -6.50 -22.10 0.04
CA GLN A 338 -6.86 -21.69 -1.34
C GLN A 338 -8.31 -21.18 -1.39
N TRP A 339 -8.52 -20.04 -2.04
CA TRP A 339 -9.85 -19.48 -2.21
C TRP A 339 -10.07 -19.11 -3.67
N THR A 340 -11.33 -19.00 -4.07
CA THR A 340 -11.67 -18.60 -5.43
C THR A 340 -12.89 -17.70 -5.35
N TYR A 341 -12.98 -16.75 -6.31
CA TYR A 341 -14.05 -15.75 -6.30
C TYR A 341 -14.55 -15.51 -7.72
N GLN A 342 -15.80 -14.99 -7.78
CA GLN A 342 -16.42 -14.52 -9.02
C GLN A 342 -17.03 -13.14 -8.81
N ILE A 343 -16.98 -12.32 -9.87
CA ILE A 343 -17.61 -10.99 -9.88
C ILE A 343 -18.59 -10.92 -11.04
N TYR A 344 -19.83 -10.55 -10.73
CA TYR A 344 -20.92 -10.62 -11.68
C TYR A 344 -21.98 -9.59 -11.33
N GLN A 345 -22.68 -9.10 -12.37
CA GLN A 345 -23.84 -8.24 -12.22
C GLN A 345 -25.15 -8.98 -12.41
N GLU A 346 -25.16 -10.04 -13.23
CA GLU A 346 -26.31 -10.92 -13.41
C GLU A 346 -25.91 -12.36 -13.07
N PRO A 347 -26.79 -13.12 -12.40
CA PRO A 347 -26.38 -14.36 -11.72
C PRO A 347 -25.38 -15.27 -12.42
N PHE A 348 -25.54 -15.62 -13.68
CA PHE A 348 -24.62 -16.59 -14.25
C PHE A 348 -23.58 -16.00 -15.17
N LYS A 349 -23.62 -14.69 -15.42
CA LYS A 349 -22.72 -14.04 -16.35
C LYS A 349 -21.67 -13.28 -15.54
N ASN A 350 -20.48 -13.87 -15.43
CA ASN A 350 -19.39 -13.28 -14.68
C ASN A 350 -18.68 -12.19 -15.48
N LEU A 351 -18.40 -11.06 -14.83
CA LEU A 351 -17.41 -10.16 -15.38
C LEU A 351 -16.03 -10.82 -15.36
N LYS A 352 -15.64 -11.41 -14.21
CA LYS A 352 -14.35 -12.10 -14.10
C LYS A 352 -14.30 -12.94 -12.82
N THR A 353 -13.22 -13.70 -12.71
CA THR A 353 -12.97 -14.62 -11.59
C THR A 353 -11.52 -14.46 -11.14
N GLY A 354 -11.21 -15.09 -10.03
CA GLY A 354 -9.87 -15.00 -9.51
C GLY A 354 -9.76 -15.87 -8.29
N LYS A 355 -8.53 -15.90 -7.76
CA LYS A 355 -8.09 -16.79 -6.70
C LYS A 355 -7.33 -15.99 -5.66
N TYR A 356 -7.25 -16.54 -4.43
CA TYR A 356 -6.39 -15.99 -3.37
C TYR A 356 -5.91 -17.14 -2.51
N ALA A 357 -4.59 -17.20 -2.26
CA ALA A 357 -4.01 -18.30 -1.49
C ALA A 357 -2.81 -17.91 -0.63
N ARG A 358 -2.41 -16.64 -0.59
CA ARG A 358 -1.26 -16.26 0.20
C ARG A 358 -1.48 -16.63 1.68
N MET A 359 -0.45 -17.19 2.30
CA MET A 359 -0.52 -17.41 3.75
C MET A 359 -0.23 -16.13 4.53
N ARG A 360 0.80 -15.39 4.10
CA ARG A 360 1.31 -14.19 4.78
C ARG A 360 1.71 -14.52 6.22
N GLY A 361 2.67 -15.41 6.33
CA GLY A 361 3.11 -15.90 7.63
C GLY A 361 2.99 -17.40 7.69
N ALA A 362 3.57 -17.96 8.75
CA ALA A 362 3.64 -19.42 8.85
C ALA A 362 2.29 -20.02 9.21
N HIS A 363 1.45 -19.28 9.93
CA HIS A 363 0.19 -19.82 10.43
C HIS A 363 -0.92 -18.80 10.20
N THR A 364 -2.11 -19.29 9.89
CA THR A 364 -3.23 -18.42 9.61
C THR A 364 -4.49 -19.11 10.09
N ASN A 365 -5.62 -18.43 9.99
CA ASN A 365 -6.90 -19.11 10.15
C ASN A 365 -7.82 -18.70 9.03
N ASP A 366 -9.01 -19.31 8.98
CA ASP A 366 -9.87 -19.17 7.81
C ASP A 366 -10.48 -17.78 7.71
N VAL A 367 -10.91 -17.22 8.83
CA VAL A 367 -11.52 -15.89 8.81
C VAL A 367 -10.51 -14.85 8.35
N LYS A 368 -9.30 -14.87 8.93
CA LYS A 368 -8.26 -13.97 8.47
C LYS A 368 -8.04 -14.09 6.95
N GLN A 369 -8.08 -15.31 6.41
CA GLN A 369 -7.79 -15.44 4.99
C GLN A 369 -8.95 -14.96 4.13
N LEU A 370 -10.19 -15.19 4.58
CA LEU A 370 -11.34 -14.66 3.85
C LEU A 370 -11.30 -13.15 3.83
N THR A 371 -11.01 -12.54 4.99
CA THR A 371 -10.92 -11.09 5.03
C THR A 371 -9.83 -10.59 4.11
N GLU A 372 -8.68 -11.24 4.13
CA GLU A 372 -7.65 -10.88 3.17
C GLU A 372 -8.14 -11.08 1.74
N ALA A 373 -9.09 -11.98 1.50
CA ALA A 373 -9.59 -12.13 0.14
C ALA A 373 -10.45 -10.92 -0.27
N VAL A 374 -11.37 -10.52 0.61
CA VAL A 374 -12.20 -9.35 0.33
C VAL A 374 -11.32 -8.13 0.09
N GLN A 375 -10.24 -8.02 0.85
CA GLN A 375 -9.24 -7.00 0.57
C GLN A 375 -8.80 -7.04 -0.89
N LYS A 376 -8.40 -8.23 -1.37
CA LYS A 376 -7.90 -8.33 -2.73
C LYS A 376 -8.99 -8.00 -3.73
N ILE A 377 -10.23 -8.38 -3.43
CA ILE A 377 -11.29 -8.09 -4.39
C ILE A 377 -11.55 -6.62 -4.42
N THR A 378 -11.55 -5.98 -3.24
CA THR A 378 -11.85 -4.57 -3.14
C THR A 378 -10.87 -3.74 -3.95
N THR A 379 -9.57 -4.03 -3.82
CA THR A 379 -8.60 -3.30 -4.62
C THR A 379 -8.82 -3.52 -6.11
N GLU A 380 -9.10 -4.75 -6.51
CA GLU A 380 -9.29 -5.03 -7.93
C GLU A 380 -10.56 -4.35 -8.45
N SER A 381 -11.61 -4.31 -7.63
CA SER A 381 -12.83 -3.65 -8.08
C SER A 381 -12.61 -2.15 -8.30
N ILE A 382 -11.86 -1.52 -7.41
CA ILE A 382 -11.57 -0.11 -7.60
C ILE A 382 -10.78 0.09 -8.87
N VAL A 383 -9.78 -0.74 -9.10
CA VAL A 383 -8.97 -0.54 -10.29
C VAL A 383 -9.82 -0.70 -11.56
N ILE A 384 -10.68 -1.71 -11.61
CA ILE A 384 -11.30 -2.03 -12.89
C ILE A 384 -12.58 -1.25 -13.13
N TRP A 385 -13.42 -1.08 -12.11
CA TRP A 385 -14.68 -0.36 -12.25
C TRP A 385 -14.76 0.90 -11.42
N GLY A 386 -13.71 1.29 -10.72
CA GLY A 386 -13.80 2.49 -9.92
C GLY A 386 -14.84 2.46 -8.82
N LYS A 387 -15.26 1.28 -8.38
CA LYS A 387 -16.19 1.17 -7.26
C LYS A 387 -15.88 -0.13 -6.51
N THR A 388 -16.53 -0.28 -5.37
CA THR A 388 -16.41 -1.52 -4.64
C THR A 388 -17.72 -2.29 -4.70
N PRO A 389 -17.67 -3.63 -4.62
CA PRO A 389 -18.85 -4.45 -4.91
C PRO A 389 -19.61 -4.75 -3.63
N LYS A 390 -20.79 -5.35 -3.81
CA LYS A 390 -21.49 -6.05 -2.72
C LYS A 390 -20.94 -7.46 -2.60
N PHE A 391 -20.68 -7.91 -1.37
CA PHE A 391 -20.11 -9.24 -1.16
C PHE A 391 -21.17 -10.23 -0.65
N LYS A 392 -21.25 -11.37 -1.33
CA LYS A 392 -22.00 -12.53 -0.84
C LYS A 392 -21.01 -13.51 -0.25
N LEU A 393 -21.15 -13.82 1.04
CA LEU A 393 -20.07 -14.56 1.68
C LEU A 393 -20.56 -15.75 2.49
N PRO A 394 -19.76 -16.84 2.53
CA PRO A 394 -20.13 -18.06 3.25
C PRO A 394 -19.61 -18.01 4.69
N ILE A 395 -20.20 -17.12 5.48
CA ILE A 395 -19.76 -16.88 6.84
C ILE A 395 -20.85 -16.10 7.54
N GLN A 396 -21.12 -16.44 8.78
CA GLN A 396 -22.23 -15.77 9.43
C GLN A 396 -21.72 -14.58 10.23
N LYS A 397 -22.65 -13.66 10.53
CA LYS A 397 -22.26 -12.50 11.30
C LYS A 397 -21.60 -12.93 12.59
N GLU A 398 -22.23 -13.87 13.30
CA GLU A 398 -21.69 -14.43 14.52
C GLU A 398 -20.21 -14.73 14.38
N THR A 399 -19.86 -15.60 13.43
CA THR A 399 -18.47 -15.97 13.20
C THR A 399 -17.61 -14.72 13.07
N TRP A 400 -17.87 -13.91 12.05
CA TRP A 400 -16.99 -12.80 11.72
C TRP A 400 -17.00 -11.74 12.81
N GLU A 401 -18.18 -11.38 13.33
CA GLU A 401 -18.22 -10.38 14.40
C GLU A 401 -17.31 -10.77 15.54
N THR A 402 -17.42 -12.02 16.02
CA THR A 402 -16.58 -12.48 17.11
C THR A 402 -15.12 -12.40 16.76
N TRP A 403 -14.75 -12.80 15.54
CA TRP A 403 -13.36 -12.75 15.11
C TRP A 403 -12.79 -11.34 15.19
N TRP A 404 -13.35 -10.39 14.42
CA TRP A 404 -12.74 -9.05 14.34
C TRP A 404 -12.80 -8.31 15.66
N THR A 405 -13.75 -8.66 16.54
CA THR A 405 -13.78 -8.03 17.86
C THR A 405 -12.59 -8.49 18.68
N GLU A 406 -12.32 -9.78 18.67
CA GLU A 406 -11.23 -10.31 19.45
C GLU A 406 -9.89 -10.12 18.75
N TYR A 407 -9.89 -9.77 17.48
CA TYR A 407 -8.64 -9.62 16.74
C TYR A 407 -7.94 -8.33 17.17
N TRP A 408 -6.63 -8.43 17.39
CA TRP A 408 -5.84 -7.28 17.88
C TRP A 408 -5.57 -6.29 16.75
N GLN A 409 -5.69 -6.75 15.50
CA GLN A 409 -5.43 -5.86 14.38
C GLN A 409 -6.72 -5.17 13.95
N ALA A 410 -6.56 -3.93 13.49
CA ALA A 410 -7.68 -3.17 12.95
C ALA A 410 -8.10 -3.75 11.60
N THR A 411 -9.41 -3.79 11.36
CA THR A 411 -9.94 -4.51 10.22
C THR A 411 -11.23 -3.87 9.79
N TRP A 412 -11.46 -3.88 8.48
CA TRP A 412 -12.63 -3.24 7.89
C TRP A 412 -13.50 -4.29 7.23
N ILE A 413 -14.78 -4.28 7.56
CA ILE A 413 -15.69 -5.30 7.08
C ILE A 413 -16.76 -4.67 6.21
N PRO A 414 -16.73 -4.89 4.91
CA PRO A 414 -17.80 -4.40 4.05
C PRO A 414 -19.12 -5.04 4.46
N GLU A 415 -20.20 -4.30 4.29
CA GLU A 415 -21.50 -4.92 4.48
C GLU A 415 -21.62 -6.10 3.52
N TRP A 416 -22.09 -7.22 4.03
CA TRP A 416 -22.25 -8.41 3.21
C TRP A 416 -23.54 -9.12 3.61
N GLU A 417 -24.01 -9.98 2.73
CA GLU A 417 -25.11 -10.88 3.04
C GLU A 417 -24.57 -12.29 3.14
N PHE A 418 -24.92 -12.97 4.22
CA PHE A 418 -24.52 -14.36 4.35
C PHE A 418 -25.21 -15.19 3.27
N VAL A 419 -24.44 -16.05 2.61
CA VAL A 419 -24.96 -17.03 1.68
C VAL A 419 -24.58 -18.40 2.21
N ASN A 420 -25.58 -19.27 2.36
CA ASN A 420 -25.33 -20.62 2.85
C ASN A 420 -24.97 -21.51 1.66
N THR A 421 -23.73 -21.95 1.63
CA THR A 421 -23.18 -22.80 0.59
C THR A 421 -21.94 -23.49 1.13
N PRO A 422 -22.07 -24.54 1.93
CA PRO A 422 -20.88 -25.15 2.50
C PRO A 422 -19.88 -25.48 1.41
N PRO A 423 -18.60 -25.48 1.73
CA PRO A 423 -18.08 -25.29 3.10
C PRO A 423 -18.32 -23.89 3.69
N LEU A 424 -19.18 -23.70 4.70
CA LEU A 424 -19.20 -22.42 5.38
C LEU A 424 -17.87 -22.20 6.09
N VAL A 425 -17.60 -20.94 6.39
CA VAL A 425 -16.39 -20.55 7.12
C VAL A 425 -16.72 -20.48 8.59
N LYS A 426 -15.96 -21.21 9.39
CA LYS A 426 -16.24 -21.30 10.81
C LYS A 426 -14.95 -21.16 11.58
N LEU A 427 -15.10 -20.77 12.84
CA LEU A 427 -14.00 -20.74 13.79
C LEU A 427 -13.90 -22.14 14.40
N TRP A 428 -12.92 -22.91 13.95
CA TRP A 428 -12.84 -24.29 14.41
C TRP A 428 -12.66 -24.40 15.93
N TYR A 429 -12.45 -23.29 16.63
CA TYR A 429 -12.31 -23.39 18.07
C TYR A 429 -12.09 -22.06 18.75
N GLN A 430 -12.03 -22.06 20.08
CA GLN A 430 -11.92 -20.82 20.81
C GLN A 430 -11.30 -21.08 22.17
N LEU A 431 -10.10 -20.57 22.35
CA LEU A 431 -9.48 -20.66 23.69
C LEU A 431 -10.40 -19.95 24.67
N GLU A 432 -10.15 -20.12 25.96
CA GLU A 432 -11.00 -19.59 27.02
C GLU A 432 -10.46 -18.24 27.47
N LYS A 433 -11.36 -17.39 27.89
CA LYS A 433 -10.95 -16.09 28.38
C LYS A 433 -10.67 -16.11 29.88
N GLU A 434 -11.25 -17.07 30.61
CA GLU A 434 -11.05 -17.27 32.03
C GLU A 434 -10.49 -18.65 32.33
N PRO A 435 -9.66 -18.79 33.37
CA PRO A 435 -9.15 -20.11 33.75
C PRO A 435 -10.30 -21.05 34.05
N ILE A 436 -10.01 -22.37 34.01
CA ILE A 436 -11.04 -23.40 34.09
C ILE A 436 -11.01 -24.05 35.47
N VAL A 437 -12.15 -24.03 36.16
CA VAL A 437 -12.29 -24.67 37.46
C VAL A 437 -12.52 -26.16 37.28
N GLY A 438 -11.92 -26.96 38.15
CA GLY A 438 -12.06 -28.40 38.07
C GLY A 438 -11.32 -29.05 36.93
N ALA A 439 -10.48 -28.29 36.24
CA ALA A 439 -9.63 -28.81 35.18
C ALA A 439 -8.17 -28.82 35.67
N GLU A 440 -7.46 -29.86 35.25
CA GLU A 440 -6.08 -30.05 35.68
C GLU A 440 -5.19 -28.95 35.11
N THR A 441 -4.34 -28.40 35.96
CA THR A 441 -3.56 -27.21 35.62
C THR A 441 -2.13 -27.62 35.29
N PHE A 442 -1.91 -28.00 34.02
CA PHE A 442 -0.57 -28.41 33.58
C PHE A 442 0.43 -27.26 33.61
N TYR A 443 1.63 -27.56 34.08
CA TYR A 443 2.73 -26.63 33.99
C TYR A 443 3.76 -27.22 33.02
N VAL A 444 3.68 -26.80 31.77
CA VAL A 444 4.55 -27.31 30.71
C VAL A 444 5.83 -26.51 30.67
N ASP A 445 6.88 -27.11 30.12
CA ASP A 445 8.11 -26.44 29.73
C ASP A 445 8.82 -27.32 28.72
N GLY A 446 10.00 -26.88 28.31
CA GLY A 446 10.73 -27.58 27.26
C GLY A 446 12.09 -26.95 27.10
N ALA A 447 12.94 -27.64 26.34
CA ALA A 447 14.26 -27.07 26.14
C ALA A 447 15.03 -27.94 25.15
N ALA A 448 16.11 -27.35 24.63
CA ALA A 448 17.07 -28.03 23.79
C ALA A 448 18.45 -27.43 24.03
N ASN A 449 19.48 -28.19 23.66
CA ASN A 449 20.86 -27.73 23.68
C ASN A 449 21.12 -27.03 22.35
N ARG A 450 21.51 -25.77 22.41
CA ARG A 450 21.67 -24.93 21.22
C ARG A 450 22.89 -25.39 20.43
N GLU A 451 23.61 -26.38 20.94
CA GLU A 451 24.72 -27.01 20.24
C GLU A 451 24.40 -28.43 19.78
N THR A 452 24.03 -29.34 20.68
CA THR A 452 23.75 -30.71 20.27
C THR A 452 22.37 -30.84 19.65
N LYS A 453 21.50 -29.85 19.87
CA LYS A 453 20.16 -29.75 19.31
C LYS A 453 19.17 -30.73 19.94
N LEU A 454 19.63 -31.62 20.84
CA LEU A 454 18.75 -32.56 21.53
C LEU A 454 17.93 -31.84 22.59
N GLY A 455 16.74 -32.38 22.91
CA GLY A 455 15.88 -31.67 23.84
C GLY A 455 14.80 -32.53 24.44
N LYS A 456 14.14 -31.96 25.46
CA LYS A 456 13.08 -32.64 26.21
C LYS A 456 11.91 -31.69 26.44
N ALA A 457 10.71 -32.25 26.45
CA ALA A 457 9.51 -31.51 26.79
C ALA A 457 8.82 -32.21 27.95
N GLY A 458 8.50 -31.47 29.01
CA GLY A 458 7.87 -32.08 30.16
C GLY A 458 6.78 -31.23 30.76
N TYR A 459 6.02 -31.86 31.67
CA TYR A 459 5.03 -31.14 32.47
C TYR A 459 4.98 -31.71 33.88
N VAL A 460 4.34 -30.94 34.77
CA VAL A 460 4.02 -31.32 36.12
C VAL A 460 2.70 -30.64 36.45
N THR A 461 1.70 -31.40 36.93
CA THR A 461 0.38 -30.82 37.08
C THR A 461 0.03 -30.68 38.56
N ASN A 462 -1.07 -29.96 38.83
CA ASN A 462 -1.51 -29.77 40.21
C ASN A 462 -2.00 -31.07 40.84
N LYS A 463 -2.38 -32.05 40.03
CA LYS A 463 -2.77 -33.37 40.50
C LYS A 463 -1.57 -34.28 40.80
N GLY A 464 -0.33 -33.81 40.74
CA GLY A 464 0.85 -34.60 41.02
C GLY A 464 1.53 -35.29 39.83
N ARG A 465 0.95 -35.24 38.63
CA ARG A 465 1.56 -35.92 37.48
C ARG A 465 2.74 -35.15 36.91
N GLN A 466 3.73 -35.89 36.40
CA GLN A 466 4.97 -35.31 35.86
C GLN A 466 5.48 -36.17 34.73
N LYS A 467 5.73 -35.58 33.58
CA LYS A 467 6.29 -36.36 32.47
C LYS A 467 7.49 -35.66 31.87
N VAL A 468 8.18 -36.40 31.00
CA VAL A 468 9.29 -35.88 30.22
C VAL A 468 9.45 -36.76 28.99
N VAL A 469 9.46 -36.15 27.80
CA VAL A 469 9.62 -36.84 26.54
C VAL A 469 10.92 -36.36 25.92
N PRO A 470 11.85 -37.25 25.55
CA PRO A 470 13.11 -36.80 24.97
C PRO A 470 12.95 -36.47 23.49
N LEU A 471 13.74 -35.50 23.03
CA LEU A 471 13.60 -34.96 21.68
C LEU A 471 14.96 -34.76 21.02
N THR A 472 15.04 -35.14 19.75
CA THR A 472 16.27 -35.10 18.98
C THR A 472 16.17 -34.08 17.84
N ASN A 473 17.23 -33.28 17.67
CA ASN A 473 17.32 -32.26 16.60
C ASN A 473 16.11 -31.33 16.57
N THR A 474 15.98 -30.58 17.66
CA THR A 474 14.94 -29.59 17.84
C THR A 474 15.62 -28.31 18.32
N THR A 475 14.80 -27.32 18.62
CA THR A 475 15.25 -25.99 19.03
C THR A 475 14.34 -25.55 20.17
N ASN A 476 14.90 -24.73 21.06
CA ASN A 476 14.20 -24.23 22.24
C ASN A 476 12.80 -23.78 21.93
N GLN A 477 12.60 -23.27 20.72
CA GLN A 477 11.26 -22.90 20.33
C GLN A 477 10.43 -24.12 20.00
N LYS A 478 11.00 -25.04 19.22
CA LYS A 478 10.20 -26.18 18.82
C LYS A 478 9.82 -27.04 20.04
N THR A 479 10.74 -27.22 21.00
CA THR A 479 10.36 -27.94 22.20
C THR A 479 9.25 -27.21 22.94
N GLU A 480 9.36 -25.89 23.06
CA GLU A 480 8.35 -25.13 23.80
C GLU A 480 6.95 -25.38 23.24
N LEU A 481 6.85 -25.70 21.95
CA LEU A 481 5.56 -26.03 21.38
C LEU A 481 5.17 -27.46 21.68
N GLN A 482 6.18 -28.33 21.74
CA GLN A 482 5.93 -29.72 22.09
C GLN A 482 5.44 -29.86 23.52
N ALA A 483 6.01 -29.09 24.44
CA ALA A 483 5.50 -29.09 25.82
C ALA A 483 3.99 -28.92 25.85
N ILE A 484 3.49 -27.95 25.10
CA ILE A 484 2.05 -27.74 25.01
C ILE A 484 1.38 -28.91 24.32
N TYR A 485 1.99 -29.41 23.25
CA TYR A 485 1.38 -30.52 22.55
C TYR A 485 1.17 -31.67 23.53
N LEU A 486 2.21 -31.95 24.33
CA LEU A 486 2.16 -32.99 25.35
C LEU A 486 0.98 -32.77 26.30
N ALA A 487 0.91 -31.60 26.92
CA ALA A 487 -0.16 -31.32 27.86
C ALA A 487 -1.53 -31.47 27.22
N LEU A 488 -1.63 -31.36 25.91
CA LEU A 488 -2.93 -31.57 25.31
C LEU A 488 -3.23 -33.07 25.16
N GLN A 489 -2.22 -33.85 24.79
CA GLN A 489 -2.39 -35.28 24.61
C GLN A 489 -2.81 -35.95 25.91
N ASP A 490 -2.16 -35.57 27.01
CA ASP A 490 -2.30 -36.20 28.31
C ASP A 490 -3.31 -35.50 29.19
N SER A 491 -4.39 -34.97 28.63
CA SER A 491 -5.29 -34.14 29.41
C SER A 491 -6.73 -34.56 29.15
N GLY A 492 -7.60 -34.18 30.08
CA GLY A 492 -9.02 -34.40 29.90
C GLY A 492 -9.58 -33.40 28.91
N LEU A 493 -10.91 -33.43 28.79
CA LEU A 493 -11.51 -32.55 27.79
C LEU A 493 -11.31 -31.06 28.10
N GLU A 494 -10.81 -30.74 29.30
CA GLU A 494 -10.70 -29.37 29.77
C GLU A 494 -9.37 -29.21 30.48
N VAL A 495 -8.51 -28.34 29.97
CA VAL A 495 -7.13 -28.27 30.48
C VAL A 495 -6.72 -26.83 30.59
N ASN A 496 -6.17 -26.46 31.74
CA ASN A 496 -5.45 -25.20 31.89
C ASN A 496 -3.98 -25.47 31.64
N ILE A 497 -3.41 -24.83 30.63
CA ILE A 497 -1.98 -24.94 30.38
C ILE A 497 -1.34 -23.65 30.85
N VAL A 498 -0.07 -23.73 31.24
CA VAL A 498 0.69 -22.59 31.74
C VAL A 498 2.12 -22.68 31.19
N THR A 499 2.57 -21.62 30.51
CA THR A 499 3.85 -21.63 29.81
C THR A 499 4.63 -20.35 30.11
N ASP A 500 5.95 -20.47 30.01
CA ASP A 500 6.91 -19.37 30.15
C ASP A 500 7.46 -18.88 28.80
N SER A 501 6.96 -19.43 27.71
CA SER A 501 7.50 -19.23 26.36
C SER A 501 6.65 -18.16 25.66
N GLN A 502 7.15 -16.91 25.63
CA GLN A 502 6.48 -15.88 24.81
C GLN A 502 6.29 -16.35 23.37
N TYR A 503 7.30 -17.00 22.79
CA TYR A 503 7.17 -17.54 21.44
C TYR A 503 5.88 -18.31 21.30
N ALA A 504 5.79 -19.41 22.03
CA ALA A 504 4.68 -20.35 21.84
C ALA A 504 3.35 -19.72 22.24
N LEU A 505 3.35 -18.80 23.21
CA LEU A 505 2.10 -18.14 23.57
C LEU A 505 1.49 -17.44 22.36
N GLY A 506 2.26 -16.56 21.72
CA GLY A 506 1.72 -15.79 20.62
C GLY A 506 1.21 -16.67 19.50
N ILE A 507 1.93 -17.76 19.21
CA ILE A 507 1.47 -18.64 18.14
C ILE A 507 0.10 -19.20 18.48
N ILE A 508 -0.16 -19.44 19.76
CA ILE A 508 -1.43 -20.08 20.10
C ILE A 508 -2.54 -19.06 20.20
N GLN A 509 -2.34 -17.99 20.97
CA GLN A 509 -3.38 -16.96 21.06
C GLN A 509 -3.89 -16.54 19.68
N ALA A 510 -3.05 -16.62 18.65
CA ALA A 510 -3.45 -16.32 17.28
C ALA A 510 -4.60 -17.20 16.77
N GLN A 511 -4.82 -18.37 17.35
CA GLN A 511 -5.89 -19.30 17.04
C GLN A 511 -5.88 -19.80 15.60
N PRO A 512 -4.73 -20.25 15.11
CA PRO A 512 -4.64 -20.69 13.71
C PRO A 512 -5.38 -21.99 13.48
N ASP A 513 -5.89 -22.15 12.26
CA ASP A 513 -6.47 -23.41 11.82
C ASP A 513 -5.75 -23.94 10.59
N LYS A 514 -4.48 -23.56 10.39
CA LYS A 514 -3.67 -24.18 9.34
C LYS A 514 -2.23 -23.68 9.45
N SER A 515 -1.26 -24.51 9.07
CA SER A 515 0.12 -24.19 9.40
C SER A 515 1.10 -24.89 8.46
N GLU A 516 2.35 -24.42 8.52
CA GLU A 516 3.47 -24.99 7.79
C GLU A 516 4.12 -26.15 8.55
N SER A 517 4.45 -25.96 9.83
CA SER A 517 5.04 -27.04 10.61
C SER A 517 3.95 -28.04 10.98
N GLU A 518 4.30 -29.33 10.90
CA GLU A 518 3.30 -30.35 11.19
C GLU A 518 2.98 -30.38 12.68
N LEU A 519 3.94 -29.99 13.53
CA LEU A 519 3.67 -29.87 14.96
C LEU A 519 2.46 -28.99 15.21
N VAL A 520 2.45 -27.78 14.64
CA VAL A 520 1.36 -26.87 14.91
C VAL A 520 0.07 -27.41 14.33
N ASN A 521 0.14 -28.12 13.22
CA ASN A 521 -1.03 -28.83 12.74
C ASN A 521 -1.53 -29.85 13.75
N GLN A 522 -0.61 -30.57 14.39
CA GLN A 522 -1.02 -31.54 15.41
C GLN A 522 -1.68 -30.85 16.59
N ILE A 523 -1.08 -29.76 17.07
CA ILE A 523 -1.67 -29.03 18.19
C ILE A 523 -3.08 -28.60 17.85
N ILE A 524 -3.29 -28.13 16.62
CA ILE A 524 -4.62 -27.72 16.22
C ILE A 524 -5.57 -28.91 16.29
N GLU A 525 -5.13 -30.06 15.78
CA GLU A 525 -5.93 -31.27 15.91
C GLU A 525 -6.35 -31.50 17.38
N GLN A 526 -5.41 -31.38 18.32
CA GLN A 526 -5.74 -31.44 19.74
C GLN A 526 -6.78 -30.39 20.12
N LEU A 527 -6.47 -29.11 19.88
CA LEU A 527 -7.33 -28.01 20.34
C LEU A 527 -8.78 -28.22 19.92
N ILE A 528 -9.00 -28.70 18.70
CA ILE A 528 -10.36 -28.93 18.26
C ILE A 528 -11.05 -29.94 19.18
N LYS A 529 -10.39 -31.09 19.41
CA LYS A 529 -11.00 -32.14 20.22
C LYS A 529 -11.30 -31.64 21.63
N LYS A 530 -10.39 -30.86 22.22
CA LYS A 530 -10.64 -30.29 23.53
C LYS A 530 -11.97 -29.54 23.53
N GLU A 531 -12.55 -29.42 24.72
CA GLU A 531 -13.78 -28.67 24.89
C GLU A 531 -13.50 -27.27 25.39
N LYS A 532 -12.78 -27.18 26.51
CA LYS A 532 -12.26 -25.93 27.00
C LYS A 532 -10.76 -26.06 27.13
N VAL A 533 -10.02 -25.15 26.51
CA VAL A 533 -8.60 -25.01 26.75
C VAL A 533 -8.37 -23.58 27.20
N TYR A 534 -7.67 -23.38 28.31
CA TYR A 534 -7.21 -22.06 28.71
C TYR A 534 -5.70 -22.07 28.85
N LEU A 535 -5.06 -21.01 28.38
CA LEU A 535 -3.62 -20.93 28.33
C LEU A 535 -3.16 -19.67 29.02
N ALA A 536 -2.09 -19.78 29.80
CA ALA A 536 -1.68 -18.68 30.62
C ALA A 536 -0.16 -18.58 30.60
N TRP A 537 0.32 -17.38 30.91
CA TRP A 537 1.74 -17.09 30.78
C TRP A 537 2.26 -16.55 32.10
N VAL A 538 3.50 -16.90 32.40
CA VAL A 538 4.20 -16.38 33.56
C VAL A 538 5.64 -16.11 33.17
N PRO A 539 6.23 -15.09 33.77
CA PRO A 539 7.65 -14.80 33.49
C PRO A 539 8.55 -15.97 33.87
N ALA A 540 9.42 -16.38 32.95
CA ALA A 540 10.32 -17.49 33.24
C ALA A 540 11.32 -17.13 34.34
N HIS A 541 11.74 -18.16 35.10
CA HIS A 541 12.77 -18.07 36.13
C HIS A 541 12.49 -16.96 37.16
N LYS A 542 11.24 -16.89 37.59
CA LYS A 542 10.83 -15.98 38.65
C LYS A 542 10.48 -16.70 39.94
N GLY A 543 10.63 -18.03 39.97
CA GLY A 543 10.24 -18.86 41.10
C GLY A 543 8.76 -18.78 41.41
N ILE A 544 7.91 -18.77 40.37
CA ILE A 544 6.48 -18.58 40.58
C ILE A 544 5.91 -19.73 41.38
N GLY A 545 6.12 -20.95 40.91
CA GLY A 545 5.44 -22.08 41.51
C GLY A 545 4.55 -22.73 40.49
N GLY A 546 4.81 -24.01 40.25
CA GLY A 546 4.28 -24.72 39.10
C GLY A 546 5.18 -24.53 37.91
N ASN A 547 5.77 -23.34 37.79
CA ASN A 547 6.72 -23.08 36.71
C ASN A 547 8.15 -23.35 37.14
N GLU A 548 8.46 -23.03 38.39
CA GLU A 548 9.78 -23.39 38.90
C GLU A 548 10.01 -24.89 38.81
N GLN A 549 8.95 -25.69 39.02
CA GLN A 549 9.08 -27.15 39.12
C GLN A 549 9.29 -27.82 37.75
N VAL A 550 8.60 -27.38 36.70
CA VAL A 550 8.90 -27.93 35.36
C VAL A 550 10.25 -27.46 34.87
N ASP A 551 10.65 -26.24 35.24
CA ASP A 551 11.98 -25.75 34.86
C ASP A 551 13.06 -26.63 35.48
N LYS A 552 12.99 -26.83 36.80
CA LYS A 552 13.94 -27.72 37.47
C LYS A 552 13.94 -29.10 36.81
N LEU A 553 12.74 -29.65 36.56
CA LEU A 553 12.55 -30.97 35.97
C LEU A 553 13.28 -31.10 34.65
N VAL A 554 12.81 -30.32 33.67
CA VAL A 554 13.35 -30.38 32.32
C VAL A 554 14.83 -30.04 32.30
N SER A 555 15.32 -29.33 33.34
CA SER A 555 16.74 -29.01 33.41
C SER A 555 17.58 -30.23 33.80
N ALA A 556 17.12 -31.00 34.79
CA ALA A 556 17.84 -32.18 35.25
C ALA A 556 17.95 -33.25 34.17
N PRO B 4 3.40 39.80 -4.65
CA PRO B 4 3.06 38.64 -5.48
C PRO B 4 3.81 38.64 -6.82
N ILE B 5 5.06 39.11 -6.83
CA ILE B 5 5.89 39.00 -8.03
C ILE B 5 7.25 38.43 -7.66
N GLU B 6 7.59 38.46 -6.37
CA GLU B 6 8.88 37.92 -5.94
C GLU B 6 8.78 36.41 -5.77
N THR B 7 9.67 35.67 -6.44
CA THR B 7 9.64 34.21 -6.41
C THR B 7 10.92 33.70 -5.76
N VAL B 8 10.81 33.30 -4.49
CA VAL B 8 11.97 32.74 -3.79
C VAL B 8 12.52 31.54 -4.56
N PRO B 9 13.83 31.47 -4.79
CA PRO B 9 14.39 30.31 -5.49
C PRO B 9 14.46 29.13 -4.54
N VAL B 10 14.06 27.97 -5.04
CA VAL B 10 14.02 26.73 -4.24
C VAL B 10 14.84 25.67 -4.95
N LYS B 11 15.64 24.96 -4.17
CA LYS B 11 16.51 23.93 -4.78
C LYS B 11 16.42 22.65 -3.95
N LEU B 12 16.50 21.50 -4.61
CA LEU B 12 16.46 20.20 -3.89
C LEU B 12 17.83 19.95 -3.28
N LYS B 13 17.87 19.17 -2.20
CA LYS B 13 19.16 18.86 -1.54
C LYS B 13 20.14 18.36 -2.60
N PRO B 14 21.46 18.48 -2.39
CA PRO B 14 22.44 18.10 -3.39
C PRO B 14 22.26 16.65 -3.88
N GLY B 15 22.50 16.40 -5.18
CA GLY B 15 22.41 15.04 -5.72
C GLY B 15 21.08 14.39 -5.38
N MET B 16 19.98 15.11 -5.58
CA MET B 16 18.65 14.56 -5.25
C MET B 16 17.68 14.90 -6.38
N ASP B 17 17.09 13.87 -7.00
CA ASP B 17 16.06 14.13 -8.04
C ASP B 17 14.71 14.25 -7.34
N GLY B 18 13.68 14.60 -8.09
CA GLY B 18 12.37 14.82 -7.46
C GLY B 18 11.59 13.56 -7.23
N PRO B 19 10.37 13.66 -6.64
CA PRO B 19 9.55 12.50 -6.34
C PRO B 19 9.12 11.76 -7.59
N LYS B 20 9.02 10.45 -7.47
CA LYS B 20 8.44 9.60 -8.51
C LYS B 20 7.50 8.59 -7.86
N VAL B 21 6.63 9.07 -7.00
CA VAL B 21 5.75 8.18 -6.25
C VAL B 21 4.55 7.77 -7.10
N LYS B 22 4.22 6.49 -7.07
CA LYS B 22 3.05 5.99 -7.79
C LYS B 22 1.78 6.60 -7.23
N GLN B 23 0.76 6.68 -8.09
CA GLN B 23 -0.53 7.25 -7.70
C GLN B 23 -1.50 6.12 -7.39
N TRP B 24 -2.16 6.23 -6.29
CA TRP B 24 -3.07 5.16 -5.88
C TRP B 24 -4.38 5.26 -6.65
N PRO B 25 -4.90 4.16 -7.17
CA PRO B 25 -6.20 4.22 -7.87
C PRO B 25 -7.29 4.76 -6.96
N LEU B 26 -8.30 5.40 -7.54
CA LEU B 26 -9.37 6.01 -6.77
C LEU B 26 -10.74 5.62 -7.31
N THR B 27 -11.74 5.67 -6.43
CA THR B 27 -13.10 5.44 -6.89
C THR B 27 -13.54 6.53 -7.86
N GLU B 28 -14.46 6.16 -8.76
CA GLU B 28 -14.98 7.11 -9.74
C GLU B 28 -15.51 8.37 -9.05
N GLU B 29 -16.13 8.21 -7.88
CA GLU B 29 -16.59 9.37 -7.13
C GLU B 29 -15.43 10.28 -6.77
N LYS B 30 -14.32 9.70 -6.32
CA LYS B 30 -13.17 10.50 -5.94
C LYS B 30 -12.49 11.12 -7.16
N ILE B 31 -12.42 10.41 -8.28
CA ILE B 31 -11.79 11.01 -9.45
C ILE B 31 -12.59 12.22 -9.91
N LYS B 32 -13.92 12.08 -9.94
CA LYS B 32 -14.77 13.18 -10.36
C LYS B 32 -14.55 14.40 -9.50
N ALA B 33 -14.54 14.20 -8.18
CA ALA B 33 -14.27 15.31 -7.28
C ALA B 33 -12.92 15.94 -7.61
N LEU B 34 -11.94 15.14 -8.03
CA LEU B 34 -10.64 15.73 -8.31
C LEU B 34 -10.64 16.48 -9.61
N VAL B 35 -11.44 16.05 -10.58
CA VAL B 35 -11.45 16.78 -11.84
C VAL B 35 -12.22 18.10 -11.71
N GLU B 36 -13.29 18.12 -10.92
CA GLU B 36 -13.93 19.40 -10.63
C GLU B 36 -12.94 20.34 -9.93
N ILE B 37 -12.30 19.87 -8.87
CA ILE B 37 -11.38 20.71 -8.12
C ILE B 37 -10.27 21.24 -9.03
N CYS B 38 -9.74 20.40 -9.91
CA CYS B 38 -8.60 20.83 -10.69
C CYS B 38 -8.99 21.65 -11.90
N THR B 39 -10.23 21.47 -12.39
CA THR B 39 -10.69 22.30 -13.50
C THR B 39 -10.78 23.77 -13.11
N GLU B 40 -11.23 24.06 -11.88
CA GLU B 40 -11.24 25.44 -11.42
C GLU B 40 -9.85 25.92 -11.05
N MET B 41 -9.06 25.07 -10.41
CA MET B 41 -7.69 25.47 -10.06
C MET B 41 -6.86 25.76 -11.29
N GLU B 42 -7.25 25.20 -12.45
CA GLU B 42 -6.60 25.60 -13.68
C GLU B 42 -7.09 26.97 -14.13
N LYS B 43 -8.40 27.24 -13.97
CA LYS B 43 -8.97 28.54 -14.30
C LYS B 43 -8.34 29.64 -13.43
N GLU B 44 -8.22 29.41 -12.13
CA GLU B 44 -7.55 30.40 -11.29
C GLU B 44 -6.04 30.39 -11.51
N GLY B 45 -5.58 29.62 -12.49
CA GLY B 45 -4.18 29.61 -12.83
C GLY B 45 -3.26 29.22 -11.70
N LYS B 46 -3.70 28.31 -10.79
CA LYS B 46 -2.82 27.86 -9.72
C LYS B 46 -2.06 26.60 -10.10
N ILE B 47 -2.52 25.90 -11.13
CA ILE B 47 -1.86 24.72 -11.64
C ILE B 47 -2.06 24.71 -13.14
N SER B 48 -1.09 24.14 -13.86
CA SER B 48 -1.09 24.07 -15.30
C SER B 48 -0.90 22.63 -15.74
N LYS B 49 -1.35 22.32 -16.94
CA LYS B 49 -1.13 20.99 -17.46
C LYS B 49 0.31 20.84 -17.95
N ILE B 50 0.88 19.66 -17.72
CA ILE B 50 2.29 19.37 -18.00
C ILE B 50 2.37 18.30 -19.07
N GLY B 51 3.53 18.23 -19.70
CA GLY B 51 3.72 17.34 -20.81
C GLY B 51 4.62 16.18 -20.48
N PRO B 52 4.75 15.25 -21.42
CA PRO B 52 5.45 13.99 -21.12
C PRO B 52 6.93 14.14 -20.80
N GLU B 53 7.47 15.34 -20.87
CA GLU B 53 8.85 15.56 -20.51
C GLU B 53 9.03 15.81 -19.03
N ASN B 54 7.99 15.59 -18.23
CA ASN B 54 8.04 15.72 -16.78
C ASN B 54 7.87 14.34 -16.15
N PRO B 55 8.93 13.70 -15.66
CA PRO B 55 8.78 12.36 -15.08
C PRO B 55 8.24 12.35 -13.66
N TYR B 56 8.19 13.49 -12.99
CA TYR B 56 7.94 13.49 -11.55
C TYR B 56 6.48 13.13 -11.26
N ASN B 57 6.23 12.70 -10.05
CA ASN B 57 4.83 12.53 -9.68
C ASN B 57 4.70 12.31 -8.19
N THR B 58 3.66 12.91 -7.63
CA THR B 58 3.27 12.91 -6.23
C THR B 58 1.79 12.53 -6.13
N PRO B 59 1.40 11.71 -5.15
CA PRO B 59 0.02 11.21 -5.15
C PRO B 59 -0.98 12.25 -4.67
N VAL B 60 -2.24 12.13 -5.12
CA VAL B 60 -3.31 13.01 -4.66
C VAL B 60 -4.49 12.18 -4.20
N PHE B 61 -5.17 12.69 -3.18
CA PHE B 61 -6.34 12.04 -2.63
C PHE B 61 -7.42 13.09 -2.44
N ALA B 62 -8.68 12.62 -2.46
CA ALA B 62 -9.86 13.43 -2.16
C ALA B 62 -10.39 13.10 -0.76
N ILE B 63 -10.51 14.12 0.10
CA ILE B 63 -11.03 13.97 1.47
C ILE B 63 -12.19 14.95 1.70
N LYS B 64 -12.67 15.05 2.96
CA LYS B 64 -13.83 15.89 3.25
C LYS B 64 -13.60 16.97 4.32
N LYS B 65 -12.69 16.78 5.27
CA LYS B 65 -12.41 17.83 6.28
C LYS B 65 -13.68 18.31 6.99
N SER B 68 -18.42 18.21 4.32
CA SER B 68 -19.90 18.36 4.25
C SER B 68 -20.33 18.47 2.79
N THR B 69 -20.31 17.36 2.05
CA THR B 69 -20.64 17.37 0.59
C THR B 69 -19.59 18.19 -0.17
N LYS B 70 -18.73 18.90 0.56
CA LYS B 70 -17.71 19.75 -0.07
C LYS B 70 -16.45 18.91 -0.11
N TRP B 71 -16.13 18.36 -1.28
CA TRP B 71 -14.90 17.59 -1.39
C TRP B 71 -13.69 18.53 -1.32
N ARG B 72 -12.58 18.01 -0.85
CA ARG B 72 -11.34 18.76 -0.85
C ARG B 72 -10.28 17.91 -1.53
N LYS B 73 -9.10 18.47 -1.78
CA LYS B 73 -8.03 17.68 -2.37
C LYS B 73 -6.82 17.74 -1.46
N LEU B 74 -6.25 16.57 -1.17
CA LEU B 74 -5.08 16.46 -0.30
C LEU B 74 -3.93 15.85 -1.09
N VAL B 75 -2.73 16.42 -0.94
CA VAL B 75 -1.54 15.97 -1.66
C VAL B 75 -0.51 15.39 -0.70
N ASP B 76 0.07 14.26 -1.10
CA ASP B 76 1.06 13.57 -0.30
C ASP B 76 2.42 14.12 -0.72
N PHE B 77 2.81 15.22 -0.12
CA PHE B 77 4.15 15.72 -0.35
C PHE B 77 5.18 15.12 0.59
N ARG B 78 4.90 13.94 1.16
CA ARG B 78 5.88 13.34 2.07
C ARG B 78 7.23 13.18 1.37
N GLU B 79 7.23 12.69 0.13
CA GLU B 79 8.49 12.38 -0.54
C GLU B 79 9.23 13.65 -0.96
N LEU B 80 8.52 14.64 -1.50
CA LEU B 80 9.17 15.88 -1.90
C LEU B 80 9.60 16.67 -0.68
N ASN B 81 8.89 16.53 0.43
CA ASN B 81 9.36 17.17 1.65
C ASN B 81 10.67 16.54 2.13
N LYS B 82 10.80 15.21 2.08
CA LYS B 82 12.08 14.62 2.40
C LYS B 82 13.17 15.17 1.49
N ARG B 83 12.83 15.52 0.25
CA ARG B 83 13.86 15.83 -0.72
C ARG B 83 14.16 17.31 -0.83
N THR B 84 13.26 18.20 -0.41
CA THR B 84 13.57 19.63 -0.42
C THR B 84 14.42 20.00 0.79
N GLN B 85 13.83 19.86 1.99
CA GLN B 85 14.54 19.76 3.26
C GLN B 85 15.46 20.97 3.47
N ASP B 86 15.41 21.92 2.54
CA ASP B 86 16.14 23.15 2.71
C ASP B 86 15.47 23.98 3.80
N PHE B 87 16.21 24.93 4.36
CA PHE B 87 15.70 25.66 5.51
C PHE B 87 16.38 27.01 5.62
N TRP B 88 15.70 27.92 6.30
CA TRP B 88 16.17 29.28 6.51
C TRP B 88 17.60 29.33 7.01
N PRO B 95 13.42 27.53 17.78
CA PRO B 95 13.31 27.22 19.21
C PRO B 95 11.88 26.91 19.61
N HIS B 96 11.32 25.77 19.13
CA HIS B 96 9.91 25.42 19.24
C HIS B 96 9.35 25.81 20.60
N PRO B 97 8.27 26.59 20.63
CA PRO B 97 7.75 27.10 21.91
C PRO B 97 7.47 26.02 22.96
N ALA B 98 8.28 26.00 24.00
CA ALA B 98 8.07 25.04 25.08
C ALA B 98 6.82 25.32 25.89
N GLY B 99 6.26 26.53 25.80
CA GLY B 99 5.13 26.89 26.63
C GLY B 99 3.77 26.57 26.05
N LEU B 100 3.72 26.21 24.76
CA LEU B 100 2.44 25.90 24.15
C LEU B 100 1.76 24.74 24.86
N LYS B 101 2.53 23.66 25.14
CA LYS B 101 1.96 22.50 25.83
C LYS B 101 1.43 22.88 27.21
N LYS B 102 2.00 23.91 27.83
CA LYS B 102 1.57 24.33 29.16
C LYS B 102 0.29 25.16 29.14
N LYS B 103 -0.04 25.81 28.03
CA LYS B 103 -1.17 26.72 28.06
C LYS B 103 -2.46 25.99 28.39
N LYS B 104 -3.34 26.69 29.12
CA LYS B 104 -4.63 26.13 29.50
C LYS B 104 -5.50 25.80 28.29
N SER B 105 -5.43 26.60 27.23
CA SER B 105 -6.19 26.34 26.01
C SER B 105 -5.28 26.46 24.79
N VAL B 106 -5.68 25.82 23.69
CA VAL B 106 -5.02 25.99 22.40
C VAL B 106 -6.04 25.75 21.30
N THR B 107 -6.14 26.70 20.36
CA THR B 107 -7.01 26.56 19.20
C THR B 107 -6.13 26.47 17.96
N VAL B 108 -6.59 25.66 16.99
CA VAL B 108 -5.87 25.40 15.75
C VAL B 108 -6.64 26.03 14.60
N LEU B 109 -5.94 26.80 13.79
CA LEU B 109 -6.55 27.53 12.69
C LEU B 109 -5.93 27.09 11.38
N ASP B 110 -6.76 26.87 10.37
CA ASP B 110 -6.27 26.60 9.03
C ASP B 110 -6.04 27.93 8.32
N VAL B 111 -4.78 28.21 8.02
CA VAL B 111 -4.37 29.41 7.30
C VAL B 111 -3.56 29.02 6.06
N GLY B 112 -3.97 27.95 5.39
CA GLY B 112 -3.25 27.48 4.22
C GLY B 112 -3.75 28.03 2.90
N ASP B 113 -4.96 28.58 2.84
CA ASP B 113 -5.39 29.25 1.61
C ASP B 113 -4.45 30.40 1.29
N ALA B 114 -3.98 31.09 2.34
CA ALA B 114 -2.96 32.12 2.20
C ALA B 114 -1.84 31.86 1.18
N TYR B 115 -1.29 30.63 1.16
CA TYR B 115 -0.23 30.24 0.23
C TYR B 115 -0.54 30.54 -1.24
N PHE B 116 -1.78 30.35 -1.67
CA PHE B 116 -2.04 30.39 -3.11
C PHE B 116 -1.96 31.81 -3.65
N SER B 117 -1.81 32.79 -2.76
CA SER B 117 -1.46 34.13 -3.21
C SER B 117 -0.13 34.15 -3.94
N VAL B 118 0.79 33.26 -3.59
CA VAL B 118 2.22 33.42 -3.79
C VAL B 118 2.70 32.54 -4.95
N PRO B 119 3.48 33.09 -5.88
CA PRO B 119 4.03 32.26 -6.97
C PRO B 119 5.16 31.36 -6.52
N LEU B 120 5.30 30.25 -7.22
CA LEU B 120 6.34 29.28 -6.94
C LEU B 120 7.50 29.46 -7.93
N ASP B 121 8.72 29.37 -7.40
CA ASP B 121 9.93 29.37 -8.22
C ASP B 121 9.70 28.59 -9.50
N GLU B 122 9.92 29.24 -10.64
CA GLU B 122 9.57 28.61 -11.91
C GLU B 122 10.27 27.28 -12.10
N ASP B 123 11.57 27.18 -11.79
CA ASP B 123 12.33 25.97 -12.09
C ASP B 123 11.91 24.78 -11.22
N PHE B 124 11.32 25.03 -10.06
CA PHE B 124 10.94 23.99 -9.12
C PHE B 124 9.56 23.40 -9.40
N ARG B 125 8.76 24.04 -10.24
CA ARG B 125 7.38 23.59 -10.42
C ARG B 125 7.33 22.16 -10.93
N LYS B 126 8.33 21.74 -11.70
CA LYS B 126 8.26 20.41 -12.29
C LYS B 126 8.17 19.36 -11.21
N TYR B 127 8.72 19.64 -10.03
CA TYR B 127 8.77 18.62 -9.00
C TYR B 127 7.42 18.41 -8.36
N THR B 128 6.51 19.36 -8.47
CA THR B 128 5.22 19.26 -7.80
C THR B 128 4.21 18.55 -8.66
N ALA B 129 4.63 17.92 -9.74
CA ALA B 129 3.70 17.30 -10.69
C ALA B 129 2.78 16.30 -10.00
N PHE B 130 1.53 16.24 -10.44
CA PHE B 130 0.64 15.18 -9.96
C PHE B 130 -0.29 14.70 -11.06
N THR B 131 -0.82 13.49 -10.86
CA THR B 131 -1.69 12.81 -11.81
C THR B 131 -3.06 12.60 -11.19
N ILE B 132 -4.11 12.91 -11.93
CA ILE B 132 -5.45 12.42 -11.59
C ILE B 132 -5.68 11.13 -12.39
N PRO B 133 -5.82 9.99 -11.74
CA PRO B 133 -5.81 8.72 -12.46
C PRO B 133 -7.17 8.47 -13.06
N SER B 134 -7.18 7.60 -14.07
CA SER B 134 -8.42 7.15 -14.69
C SER B 134 -8.82 5.79 -14.13
N ILE B 135 -10.02 5.39 -14.50
CA ILE B 135 -10.54 4.09 -14.13
C ILE B 135 -10.11 3.06 -15.15
N ASN B 136 -9.63 1.93 -14.67
CA ASN B 136 -9.31 0.77 -15.49
C ASN B 136 -8.33 1.12 -16.60
N ASN B 137 -7.44 2.08 -16.34
CA ASN B 137 -6.44 2.52 -17.32
C ASN B 137 -7.04 2.82 -18.69
N GLU B 138 -8.28 3.32 -18.72
CA GLU B 138 -8.87 3.75 -19.98
C GLU B 138 -8.01 4.84 -20.60
N THR B 139 -7.93 5.97 -19.94
CA THR B 139 -7.03 7.05 -20.33
C THR B 139 -5.80 7.01 -19.45
N PRO B 140 -4.70 7.62 -19.86
CA PRO B 140 -3.65 7.92 -18.89
C PRO B 140 -4.19 9.01 -17.98
N GLY B 141 -3.44 9.37 -16.96
CA GLY B 141 -3.91 10.40 -16.06
C GLY B 141 -4.02 11.76 -16.74
N ILE B 142 -4.65 12.68 -16.02
CA ILE B 142 -4.49 14.10 -16.27
C ILE B 142 -3.31 14.60 -15.45
N ARG B 143 -2.32 15.17 -16.10
CA ARG B 143 -1.12 15.61 -15.40
C ARG B 143 -1.02 17.14 -15.31
N TYR B 144 -1.00 17.65 -14.09
CA TYR B 144 -0.81 19.03 -13.70
C TYR B 144 0.49 19.20 -12.94
N GLN B 145 0.93 20.44 -12.84
CA GLN B 145 1.95 20.85 -11.91
C GLN B 145 1.57 22.21 -11.32
N TYR B 146 2.14 22.52 -10.19
CA TYR B 146 1.70 23.64 -9.38
C TYR B 146 2.37 24.94 -9.82
N ASN B 147 1.58 26.04 -9.91
CA ASN B 147 2.17 27.36 -10.19
C ASN B 147 2.45 28.17 -8.92
N VAL B 148 1.64 28.00 -7.90
CA VAL B 148 1.73 28.79 -6.68
C VAL B 148 2.23 27.88 -5.57
N LEU B 149 2.40 28.42 -4.36
CA LEU B 149 2.87 27.58 -3.24
C LEU B 149 1.79 26.57 -2.88
N PRO B 150 2.05 25.28 -3.02
CA PRO B 150 1.00 24.30 -2.74
C PRO B 150 0.87 24.04 -1.26
N GLN B 151 -0.37 23.76 -0.84
CA GLN B 151 -0.56 23.29 0.52
C GLN B 151 0.11 21.94 0.71
N GLY B 152 0.70 21.72 1.87
CA GLY B 152 1.28 20.44 2.17
C GLY B 152 2.77 20.36 1.96
N TRP B 153 3.34 21.30 1.20
CA TRP B 153 4.78 21.34 1.00
C TRP B 153 5.43 22.12 2.15
N LYS B 154 6.50 21.55 2.72
CA LYS B 154 7.21 22.27 3.77
C LYS B 154 7.73 23.61 3.25
N GLY B 155 7.96 23.72 1.95
CA GLY B 155 8.43 24.98 1.40
C GLY B 155 7.51 26.14 1.73
N SER B 156 6.18 25.95 1.60
CA SER B 156 5.25 27.07 1.67
C SER B 156 5.25 27.80 3.00
N PRO B 157 5.10 27.13 4.15
CA PRO B 157 5.17 27.89 5.41
C PRO B 157 6.50 28.64 5.57
N ALA B 158 7.58 28.10 5.01
CA ALA B 158 8.89 28.75 5.12
C ALA B 158 8.96 30.00 4.23
N ILE B 159 8.49 29.91 2.98
CA ILE B 159 8.47 31.08 2.11
C ILE B 159 7.60 32.15 2.73
N PHE B 160 6.37 31.80 3.07
CA PHE B 160 5.42 32.75 3.59
C PHE B 160 5.77 33.23 4.98
N GLN B 161 6.81 32.70 5.59
CA GLN B 161 7.07 33.05 6.98
C GLN B 161 7.06 34.56 7.14
N SER B 162 7.75 35.26 6.22
CA SER B 162 7.81 36.71 6.24
C SER B 162 6.44 37.32 6.41
N SER B 163 5.57 37.11 5.42
CA SER B 163 4.24 37.72 5.45
C SER B 163 3.54 37.38 6.76
N MET B 164 3.71 36.14 7.22
CA MET B 164 3.00 35.69 8.41
C MET B 164 3.42 36.46 9.65
N THR B 165 4.72 36.67 9.84
CA THR B 165 5.15 37.49 10.97
C THR B 165 4.60 38.89 10.82
N LYS B 166 4.67 39.44 9.60
CA LYS B 166 4.12 40.76 9.31
C LYS B 166 2.68 40.88 9.80
N ILE B 167 1.81 39.97 9.37
CA ILE B 167 0.38 40.04 9.68
C ILE B 167 0.07 39.80 11.16
N LEU B 168 0.95 39.12 11.89
CA LEU B 168 0.70 38.82 13.29
C LEU B 168 1.33 39.84 14.25
N GLU B 169 2.18 40.74 13.74
CA GLU B 169 2.79 41.74 14.63
C GLU B 169 1.75 42.61 15.33
N PRO B 170 0.79 43.20 14.64
CA PRO B 170 -0.32 43.84 15.35
C PRO B 170 -0.77 43.01 16.54
N PHE B 171 -1.20 41.76 16.29
CA PHE B 171 -1.90 40.95 17.30
C PHE B 171 -0.99 40.52 18.45
N LYS B 172 0.24 40.13 18.16
CA LYS B 172 1.13 39.76 19.27
C LYS B 172 1.41 40.96 20.17
N LYS B 173 1.65 42.13 19.57
CA LYS B 173 1.89 43.33 20.37
C LYS B 173 0.74 43.56 21.34
N GLN B 174 -0.50 43.49 20.85
CA GLN B 174 -1.66 43.62 21.75
C GLN B 174 -1.63 42.57 22.86
N ASN B 175 -1.35 41.31 22.53
CA ASN B 175 -1.58 40.17 23.42
C ASN B 175 -0.26 39.49 23.75
N PRO B 176 0.55 40.10 24.62
CA PRO B 176 1.94 39.62 24.79
C PRO B 176 2.06 38.22 25.37
N ASP B 177 1.04 37.73 26.08
CA ASP B 177 1.09 36.43 26.75
C ASP B 177 0.54 35.29 25.90
N ILE B 178 0.01 35.56 24.73
CA ILE B 178 -0.58 34.54 23.88
C ILE B 178 0.51 33.91 23.04
N VAL B 179 0.52 32.57 22.99
CA VAL B 179 1.53 31.84 22.24
C VAL B 179 0.99 31.45 20.88
N ILE B 180 1.76 31.74 19.83
CA ILE B 180 1.39 31.38 18.47
C ILE B 180 2.53 30.60 17.83
N TYR B 181 2.26 29.35 17.46
CA TYR B 181 3.23 28.47 16.80
C TYR B 181 2.61 28.02 15.49
N GLN B 182 3.44 27.91 14.45
CA GLN B 182 2.96 27.43 13.16
C GLN B 182 3.60 26.08 12.82
N TYR B 183 2.78 25.16 12.32
CA TYR B 183 3.24 23.88 11.78
C TYR B 183 2.51 23.66 10.47
N MET B 184 3.22 23.74 9.35
CA MET B 184 2.57 23.49 8.06
C MET B 184 1.44 24.50 7.86
N ASP B 185 0.21 24.07 7.59
CA ASP B 185 -0.91 24.93 7.27
C ASP B 185 -1.66 25.42 8.49
N ASP B 186 -1.08 25.30 9.67
CA ASP B 186 -1.88 25.45 10.87
C ASP B 186 -1.21 26.39 11.86
N LEU B 187 -2.02 27.20 12.50
CA LEU B 187 -1.57 28.10 13.54
C LEU B 187 -2.08 27.56 14.87
N TYR B 188 -1.20 27.49 15.85
CA TYR B 188 -1.56 26.96 17.16
C TYR B 188 -1.54 28.12 18.13
N VAL B 189 -2.70 28.41 18.71
CA VAL B 189 -2.90 29.66 19.43
C VAL B 189 -3.28 29.31 20.86
N GLY B 190 -2.45 29.73 21.81
CA GLY B 190 -2.74 29.36 23.17
C GLY B 190 -2.83 30.46 24.20
N SER B 191 -3.92 30.44 24.99
CA SER B 191 -4.05 31.27 26.17
C SER B 191 -4.27 30.44 27.44
N ASP B 192 -3.72 30.96 28.52
CA ASP B 192 -4.18 30.64 29.86
C ASP B 192 -5.49 31.35 30.20
N LEU B 193 -6.17 31.96 29.23
CA LEU B 193 -7.38 32.70 29.54
C LEU B 193 -8.54 31.78 29.88
N GLU B 194 -9.57 32.38 30.47
CA GLU B 194 -10.88 31.73 30.52
C GLU B 194 -11.35 31.39 29.12
N ILE B 195 -12.20 30.37 29.02
CA ILE B 195 -12.56 29.80 27.73
C ILE B 195 -13.30 30.83 26.88
N GLY B 196 -14.34 31.45 27.44
CA GLY B 196 -15.07 32.46 26.70
C GLY B 196 -14.15 33.55 26.20
N GLN B 197 -13.33 34.10 27.10
CA GLN B 197 -12.27 35.01 26.70
C GLN B 197 -11.40 34.41 25.61
N HIS B 198 -10.99 33.16 25.78
CA HIS B 198 -10.11 32.54 24.80
C HIS B 198 -10.73 32.55 23.41
N ARG B 199 -12.00 32.15 23.30
CA ARG B 199 -12.62 32.11 21.99
C ARG B 199 -12.82 33.50 21.41
N THR B 200 -12.96 34.50 22.28
CA THR B 200 -13.05 35.89 21.84
C THR B 200 -11.73 36.35 21.27
N LYS B 201 -10.63 36.12 22.00
CA LYS B 201 -9.32 36.42 21.45
C LYS B 201 -9.07 35.68 20.14
N ILE B 202 -9.62 34.48 20.00
CA ILE B 202 -9.46 33.74 18.75
C ILE B 202 -10.24 34.42 17.64
N GLU B 203 -11.47 34.85 17.93
CA GLU B 203 -12.23 35.53 16.90
C GLU B 203 -11.51 36.80 16.44
N GLU B 204 -10.95 37.56 17.38
CA GLU B 204 -10.19 38.74 16.99
C GLU B 204 -9.16 38.35 15.94
N LEU B 205 -8.22 37.47 16.31
CA LEU B 205 -7.17 37.10 15.38
C LEU B 205 -7.73 36.55 14.08
N ARG B 206 -8.87 35.86 14.12
CA ARG B 206 -9.49 35.43 12.88
C ARG B 206 -9.85 36.65 12.03
N GLN B 207 -10.53 37.62 12.64
CA GLN B 207 -10.95 38.82 11.93
C GLN B 207 -9.75 39.63 11.44
N HIS B 208 -8.79 39.88 12.34
CA HIS B 208 -7.55 40.54 11.94
C HIS B 208 -6.82 39.78 10.85
N LEU B 209 -7.03 38.47 10.71
CA LEU B 209 -6.43 37.79 9.58
C LEU B 209 -7.27 38.00 8.32
N LEU B 210 -8.59 37.81 8.43
CA LEU B 210 -9.44 37.99 7.27
C LEU B 210 -9.29 39.39 6.70
N ARG B 211 -9.42 40.40 7.55
CA ARG B 211 -9.41 41.76 7.03
C ARG B 211 -8.06 42.11 6.40
N TRP B 212 -6.98 41.42 6.78
CA TRP B 212 -5.78 41.47 5.97
C TRP B 212 -5.77 40.41 4.87
N GLY B 213 -6.94 39.92 4.47
CA GLY B 213 -7.07 39.13 3.27
C GLY B 213 -6.53 37.72 3.36
N LEU B 214 -6.63 37.08 4.51
CA LEU B 214 -6.13 35.73 4.69
C LEU B 214 -7.28 34.88 5.20
N THR B 215 -7.95 34.18 4.29
CA THR B 215 -9.15 33.43 4.64
C THR B 215 -8.84 32.31 5.63
N THR B 216 -9.80 32.04 6.52
CA THR B 216 -9.76 30.95 7.46
C THR B 216 -11.15 30.37 7.59
N PRO B 217 -11.27 29.03 7.69
CA PRO B 217 -12.58 28.35 7.81
C PRO B 217 -13.48 28.96 8.88
N TYR B 232 -11.82 23.25 16.55
CA TYR B 232 -10.78 22.36 17.08
C TYR B 232 -9.92 23.12 18.10
N GLU B 233 -10.30 23.00 19.38
CA GLU B 233 -9.54 23.58 20.49
C GLU B 233 -9.16 22.48 21.46
N LEU B 234 -7.87 22.44 21.83
CA LEU B 234 -7.25 21.45 22.68
C LEU B 234 -7.06 22.01 24.07
N HIS B 235 -6.54 21.18 24.97
CA HIS B 235 -6.28 21.57 26.36
C HIS B 235 -5.08 20.78 26.85
N PRO B 236 -3.87 21.21 26.50
CA PRO B 236 -2.66 20.49 26.94
C PRO B 236 -2.44 20.54 28.44
N ASP B 237 -3.28 21.26 29.17
CA ASP B 237 -3.25 21.30 30.63
C ASP B 237 -3.89 20.05 31.26
N LYS B 238 -4.13 19.00 30.48
CA LYS B 238 -4.65 17.74 31.03
C LYS B 238 -3.79 16.59 30.56
N TRP B 239 -3.15 16.73 29.41
CA TRP B 239 -2.36 15.64 28.88
C TRP B 239 -1.34 15.15 29.90
N THR B 240 -1.42 13.87 30.27
CA THR B 240 -0.53 13.27 31.26
C THR B 240 -0.19 11.83 30.87
N VAL B 241 1.08 11.46 31.05
CA VAL B 241 1.55 10.10 30.79
C VAL B 241 0.86 9.16 31.77
N GLN B 242 -0.08 8.36 31.27
CA GLN B 242 -0.82 7.40 32.07
C GLN B 242 0.14 6.56 32.92
N PRO B 243 0.01 6.57 34.24
CA PRO B 243 0.85 5.70 35.07
C PRO B 243 0.28 4.29 35.18
N ILE B 244 1.15 3.35 35.55
CA ILE B 244 0.79 1.93 35.51
C ILE B 244 -0.20 1.58 36.61
N VAL B 245 -1.24 0.85 36.25
CA VAL B 245 -2.40 0.60 37.09
C VAL B 245 -2.51 -0.90 37.37
N LEU B 246 -2.55 -1.28 38.65
CA LEU B 246 -2.66 -2.65 39.18
C LEU B 246 -4.07 -2.92 39.69
N PRO B 247 -4.57 -4.13 39.48
CA PRO B 247 -5.98 -4.41 39.77
C PRO B 247 -6.28 -4.42 41.26
N GLU B 248 -7.51 -4.10 41.58
CA GLU B 248 -8.03 -4.22 42.93
C GLU B 248 -9.09 -5.32 42.90
N LYS B 249 -8.80 -6.43 43.58
CA LYS B 249 -9.67 -7.61 43.58
C LYS B 249 -10.05 -7.99 45.01
N ASP B 250 -11.29 -8.47 45.16
CA ASP B 250 -11.74 -8.98 46.45
C ASP B 250 -11.10 -10.32 46.78
N SER B 251 -11.11 -11.25 45.82
CA SER B 251 -10.47 -12.56 45.98
C SER B 251 -9.52 -12.81 44.81
N TRP B 252 -8.24 -13.01 45.12
CA TRP B 252 -7.22 -13.29 44.12
C TRP B 252 -7.14 -14.80 43.87
N THR B 253 -6.63 -15.17 42.70
CA THR B 253 -6.43 -16.58 42.35
C THR B 253 -5.02 -16.75 41.77
N VAL B 254 -4.58 -18.02 41.68
CA VAL B 254 -3.25 -18.29 41.12
C VAL B 254 -3.07 -17.51 39.83
N ASN B 255 -4.05 -17.60 38.93
CA ASN B 255 -4.05 -16.83 37.69
C ASN B 255 -3.81 -15.33 37.95
N ASP B 256 -4.72 -14.71 38.72
CA ASP B 256 -4.62 -13.28 39.05
C ASP B 256 -3.30 -12.90 39.71
N ILE B 257 -2.68 -13.78 40.49
CA ILE B 257 -1.37 -13.47 41.04
C ILE B 257 -0.31 -13.58 39.95
N GLN B 258 -0.46 -14.55 39.03
CA GLN B 258 0.54 -14.73 37.99
C GLN B 258 0.51 -13.56 37.01
N LYS B 259 -0.70 -13.20 36.56
CA LYS B 259 -0.94 -11.95 35.85
C LYS B 259 -0.28 -10.79 36.58
N LEU B 260 -0.62 -10.60 37.85
CA LEU B 260 -0.09 -9.49 38.61
C LEU B 260 1.42 -9.58 38.75
N VAL B 261 1.96 -10.78 38.92
CA VAL B 261 3.41 -10.87 38.99
C VAL B 261 4.01 -10.67 37.61
N GLY B 262 3.30 -11.12 36.57
CA GLY B 262 3.78 -10.97 35.21
C GLY B 262 3.84 -9.51 34.79
N LYS B 263 2.78 -8.74 35.09
CA LYS B 263 2.78 -7.32 34.77
C LYS B 263 3.83 -6.58 35.59
N LEU B 264 3.84 -6.79 36.92
CA LEU B 264 4.83 -6.12 37.76
C LEU B 264 6.23 -6.49 37.33
N ASN B 265 6.39 -7.66 36.73
CA ASN B 265 7.69 -8.04 36.21
C ASN B 265 8.07 -7.17 35.03
N TRP B 266 7.12 -6.91 34.13
CA TRP B 266 7.37 -6.03 32.98
C TRP B 266 7.75 -4.62 33.43
N ALA B 267 6.92 -4.05 34.30
CA ALA B 267 7.11 -2.71 34.85
C ALA B 267 8.49 -2.51 35.48
N SER B 268 9.21 -3.58 35.72
CA SER B 268 10.47 -3.52 36.43
C SER B 268 11.66 -3.31 35.50
N GLN B 269 11.46 -3.28 34.19
CA GLN B 269 12.52 -2.76 33.32
C GLN B 269 12.57 -1.23 33.32
N ILE B 270 11.56 -0.58 33.91
CA ILE B 270 11.34 0.87 33.80
C ILE B 270 11.51 1.56 35.16
N TYR B 271 10.66 1.19 36.16
CA TYR B 271 10.73 1.57 37.58
C TYR B 271 11.59 0.56 38.34
N PRO B 272 12.54 0.99 39.15
CA PRO B 272 13.48 0.02 39.74
C PRO B 272 12.95 -0.66 40.98
N GLY B 273 12.05 0.01 41.71
CA GLY B 273 11.74 -0.41 43.07
C GLY B 273 10.78 -1.57 43.25
N ILE B 274 10.27 -2.14 42.18
CA ILE B 274 9.21 -3.13 42.32
C ILE B 274 9.82 -4.46 42.72
N LYS B 275 9.17 -5.12 43.67
CA LYS B 275 9.57 -6.45 44.14
C LYS B 275 8.39 -7.40 44.04
N VAL B 276 8.71 -8.69 43.94
CA VAL B 276 7.73 -9.76 43.81
C VAL B 276 7.99 -10.93 44.76
N ARG B 277 9.03 -10.87 45.60
CA ARG B 277 9.37 -12.00 46.46
C ARG B 277 8.16 -12.41 47.28
N GLN B 278 7.57 -11.45 48.01
CA GLN B 278 6.42 -11.75 48.86
C GLN B 278 5.22 -12.24 48.06
N LEU B 279 5.02 -11.69 46.85
CA LEU B 279 3.86 -12.02 46.04
C LEU B 279 3.95 -13.42 45.42
N SER B 280 5.14 -13.80 44.92
CA SER B 280 5.30 -15.14 44.38
C SER B 280 5.42 -16.18 45.49
N LYS B 281 5.98 -15.81 46.64
CA LYS B 281 5.92 -16.67 47.82
C LYS B 281 4.52 -17.26 47.93
N LEU B 282 3.49 -16.46 47.64
CA LEU B 282 2.11 -16.93 47.78
C LEU B 282 1.75 -18.01 46.77
N LEU B 283 2.65 -18.33 45.82
CA LEU B 283 2.35 -19.33 44.81
C LEU B 283 3.21 -20.58 44.93
N ARG B 284 4.21 -20.60 45.84
CA ARG B 284 5.01 -21.79 46.11
C ARG B 284 4.10 -23.01 46.19
N GLY B 285 4.37 -23.99 45.36
CA GLY B 285 3.50 -25.12 45.22
C GLY B 285 3.44 -25.60 43.79
N THR B 286 2.42 -26.39 43.49
CA THR B 286 1.97 -26.62 42.12
C THR B 286 0.44 -26.54 42.18
N LYS B 287 -0.08 -25.32 42.13
CA LYS B 287 -1.47 -25.05 42.47
C LYS B 287 -2.35 -25.06 41.24
N ALA B 288 -3.62 -25.38 41.44
CA ALA B 288 -4.56 -25.17 40.36
C ALA B 288 -4.65 -23.69 40.09
N LEU B 289 -4.84 -23.33 38.81
CA LEU B 289 -4.96 -21.92 38.45
C LEU B 289 -6.16 -21.29 39.13
N THR B 290 -7.31 -21.96 39.04
CA THR B 290 -8.56 -21.46 39.62
C THR B 290 -8.50 -21.34 41.15
N GLU B 291 -7.56 -22.00 41.83
CA GLU B 291 -7.50 -21.95 43.29
C GLU B 291 -7.38 -20.52 43.81
N VAL B 292 -8.18 -20.19 44.83
CA VAL B 292 -8.16 -18.88 45.49
C VAL B 292 -7.00 -18.82 46.48
N ILE B 293 -6.10 -17.86 46.29
CA ILE B 293 -4.98 -17.60 47.19
C ILE B 293 -5.27 -16.30 47.93
N PRO B 294 -5.20 -16.27 49.27
CA PRO B 294 -5.40 -15.01 50.00
C PRO B 294 -4.15 -14.17 50.07
N LEU B 295 -4.35 -12.85 50.04
CA LEU B 295 -3.19 -11.92 50.04
C LEU B 295 -2.65 -11.78 51.45
N THR B 296 -1.66 -12.58 51.81
CA THR B 296 -1.02 -12.45 53.13
C THR B 296 -0.51 -11.01 53.30
N GLU B 297 -0.17 -10.63 54.52
CA GLU B 297 0.28 -9.25 54.78
C GLU B 297 1.53 -8.91 53.97
N GLU B 298 2.64 -9.62 54.17
CA GLU B 298 3.83 -9.17 53.45
C GLU B 298 3.53 -9.01 51.97
N ALA B 299 2.70 -9.89 51.43
CA ALA B 299 2.31 -9.79 50.03
C ALA B 299 1.47 -8.53 49.81
N GLU B 300 0.47 -8.30 50.66
CA GLU B 300 -0.37 -7.13 50.45
C GLU B 300 0.42 -5.84 50.59
N LEU B 301 1.34 -5.79 51.55
CA LEU B 301 2.19 -4.63 51.76
C LEU B 301 3.32 -4.51 50.74
N GLU B 302 3.58 -5.55 49.98
CA GLU B 302 4.52 -5.40 48.88
C GLU B 302 3.82 -4.87 47.65
N LEU B 303 2.57 -5.30 47.42
CA LEU B 303 1.72 -4.78 46.36
C LEU B 303 1.30 -3.34 46.60
N ALA B 304 1.06 -2.97 47.87
CA ALA B 304 0.73 -1.58 48.17
C ALA B 304 1.90 -0.67 47.90
N GLU B 305 3.11 -1.11 48.26
CA GLU B 305 4.30 -0.31 47.97
C GLU B 305 4.56 -0.22 46.46
N ASN B 306 4.25 -1.28 45.72
CA ASN B 306 4.41 -1.23 44.27
C ASN B 306 3.37 -0.34 43.60
N ARG B 307 2.23 -0.08 44.26
CA ARG B 307 1.30 0.92 43.76
C ARG B 307 1.83 2.34 43.94
N GLU B 308 2.63 2.59 44.99
CA GLU B 308 3.18 3.93 45.18
C GLU B 308 4.45 4.18 44.36
N ILE B 309 5.16 3.14 43.93
CA ILE B 309 6.29 3.38 43.02
C ILE B 309 5.78 3.74 41.63
N LEU B 310 4.69 3.11 41.19
CA LEU B 310 4.09 3.41 39.88
C LEU B 310 3.44 4.78 39.83
N LYS B 311 3.27 5.45 40.98
CA LYS B 311 2.74 6.80 40.99
C LYS B 311 3.76 7.81 40.47
N GLU B 312 5.05 7.58 40.76
CA GLU B 312 6.12 8.47 40.33
C GLU B 312 6.43 8.31 38.84
N PRO B 313 6.96 9.36 38.22
CA PRO B 313 7.44 9.25 36.84
C PRO B 313 8.93 8.94 36.75
N VAL B 314 9.32 8.43 35.59
CA VAL B 314 10.66 7.85 35.39
C VAL B 314 11.75 8.90 35.57
N HIS B 315 13.01 8.44 35.61
CA HIS B 315 14.13 9.25 36.11
C HIS B 315 14.79 10.12 35.03
N GLY B 316 15.22 9.52 33.93
CA GLY B 316 16.15 10.20 33.06
C GLY B 316 15.80 10.19 31.60
N VAL B 317 14.51 10.36 31.27
CA VAL B 317 14.03 10.25 29.89
C VAL B 317 13.91 11.66 29.30
N TYR B 318 14.71 11.94 28.26
CA TYR B 318 14.84 13.28 27.70
C TYR B 318 14.59 13.29 26.20
N TYR B 319 13.92 14.33 25.73
CA TYR B 319 13.68 14.43 24.30
C TYR B 319 14.97 14.79 23.61
N ASP B 320 15.38 13.98 22.64
CA ASP B 320 16.50 14.31 21.78
C ASP B 320 15.93 14.89 20.49
N PRO B 321 16.16 16.16 20.17
CA PRO B 321 15.52 16.74 18.97
C PRO B 321 16.08 16.18 17.68
N SER B 322 17.30 15.66 17.68
CA SER B 322 17.87 15.11 16.45
C SER B 322 17.32 13.73 16.06
N LYS B 323 16.56 13.05 16.93
CA LYS B 323 16.10 11.67 16.69
C LYS B 323 14.59 11.60 16.44
N ASP B 324 14.19 10.63 15.60
CA ASP B 324 12.78 10.42 15.28
C ASP B 324 11.98 10.08 16.53
N LEU B 325 10.70 10.46 16.52
CA LEU B 325 9.75 9.99 17.51
C LEU B 325 8.94 8.86 16.90
N ILE B 326 8.76 7.78 17.65
CA ILE B 326 8.01 6.63 17.19
C ILE B 326 6.77 6.51 18.06
N ALA B 327 5.66 6.13 17.45
CA ALA B 327 4.42 5.92 18.17
C ALA B 327 3.90 4.51 17.88
N GLU B 328 3.58 3.76 18.92
CA GLU B 328 2.97 2.46 18.79
C GLU B 328 1.57 2.49 19.36
N ILE B 329 0.71 1.65 18.79
CA ILE B 329 -0.71 1.68 19.10
C ILE B 329 -1.17 0.25 19.32
N GLN B 330 -2.08 0.09 20.28
CA GLN B 330 -2.60 -1.21 20.65
C GLN B 330 -4.12 -1.15 20.66
N LYS B 331 -4.77 -1.99 19.84
CA LYS B 331 -6.21 -2.15 19.95
C LYS B 331 -6.55 -2.87 21.27
N GLN B 332 -7.47 -2.28 22.03
CA GLN B 332 -7.85 -2.74 23.35
C GLN B 332 -9.28 -3.22 23.44
N GLY B 333 -9.98 -3.32 22.32
CA GLY B 333 -11.37 -3.71 22.33
C GLY B 333 -12.28 -2.67 22.93
N GLN B 334 -13.55 -2.71 22.56
CA GLN B 334 -14.56 -1.79 23.08
C GLN B 334 -14.16 -0.34 22.81
N GLY B 335 -13.61 -0.09 21.63
CA GLY B 335 -13.29 1.26 21.23
C GLY B 335 -12.08 1.86 21.90
N GLN B 336 -11.35 1.09 22.69
CA GLN B 336 -10.18 1.64 23.37
C GLN B 336 -8.92 1.32 22.60
N TRP B 337 -7.99 2.27 22.67
CA TRP B 337 -6.73 2.24 21.94
C TRP B 337 -5.68 2.85 22.82
N THR B 338 -4.58 2.15 23.03
CA THR B 338 -3.51 2.71 23.84
C THR B 338 -2.36 3.06 22.90
N TYR B 339 -1.57 4.05 23.31
CA TYR B 339 -0.49 4.49 22.45
C TYR B 339 0.69 4.88 23.32
N GLN B 340 1.88 4.71 22.77
CA GLN B 340 3.09 5.18 23.43
C GLN B 340 3.91 5.92 22.38
N ILE B 341 4.48 7.06 22.77
CA ILE B 341 5.44 7.81 21.95
C ILE B 341 6.79 7.75 22.64
N TYR B 342 7.82 7.40 21.89
CA TYR B 342 9.14 7.22 22.45
C TYR B 342 10.14 7.40 21.33
N GLN B 343 11.39 7.62 21.70
CA GLN B 343 12.47 7.60 20.73
C GLN B 343 13.42 6.43 20.92
N GLU B 344 13.51 5.90 22.14
CA GLU B 344 14.29 4.70 22.45
C GLU B 344 13.41 3.71 23.20
N PRO B 345 13.37 2.46 22.79
CA PRO B 345 12.60 1.45 23.54
C PRO B 345 12.71 1.58 25.06
N PHE B 346 11.58 1.46 25.73
CA PHE B 346 11.34 1.55 27.17
C PHE B 346 11.42 3.01 27.67
N LYS B 347 11.94 3.94 26.88
CA LYS B 347 12.06 5.34 27.30
C LYS B 347 10.90 6.14 26.70
N ASN B 348 9.72 5.99 27.31
CA ASN B 348 8.51 6.65 26.81
C ASN B 348 8.54 8.14 27.13
N LEU B 349 8.30 8.97 26.12
CA LEU B 349 8.12 10.40 26.37
C LEU B 349 6.69 10.71 26.79
N LYS B 350 5.70 10.16 26.07
CA LYS B 350 4.30 10.28 26.46
C LYS B 350 3.61 8.93 26.29
N THR B 351 2.55 8.73 27.06
CA THR B 351 1.67 7.58 26.91
C THR B 351 0.25 8.07 27.11
N GLY B 352 -0.71 7.29 26.65
CA GLY B 352 -2.09 7.71 26.81
C GLY B 352 -3.00 6.65 26.23
N LYS B 353 -4.30 6.90 26.37
CA LYS B 353 -5.30 5.94 25.84
C LYS B 353 -6.47 6.73 25.27
N TYR B 354 -6.92 6.36 24.07
CA TYR B 354 -8.09 7.04 23.47
CA TYR B 354 -8.10 7.01 23.44
C TYR B 354 -9.38 6.14 23.52
N ALA B 355 -10.48 6.83 23.80
CA ALA B 355 -11.76 6.10 23.95
C ALA B 355 -12.75 6.67 22.95
N ARG B 356 -13.32 5.82 22.10
CA ARG B 356 -14.37 6.31 21.16
C ARG B 356 -15.73 6.05 21.77
N MET B 357 -16.82 6.36 21.05
CA MET B 357 -18.19 6.21 21.62
C MET B 357 -19.09 5.40 20.68
N ARG B 358 -18.54 4.48 19.89
CA ARG B 358 -19.37 3.58 19.04
C ARG B 358 -20.11 4.36 17.94
N GLY B 359 -20.84 5.40 18.31
CA GLY B 359 -21.53 6.24 17.31
C GLY B 359 -22.14 5.49 16.15
N ALA B 360 -22.77 4.34 16.41
CA ALA B 360 -23.48 3.58 15.36
C ALA B 360 -22.50 3.23 14.23
N HIS B 361 -21.20 3.22 14.52
CA HIS B 361 -20.20 2.83 13.48
C HIS B 361 -18.82 2.76 14.10
N THR B 362 -18.21 3.92 14.37
CA THR B 362 -16.83 3.96 14.90
C THR B 362 -16.15 2.62 14.59
N ASN B 363 -15.96 2.31 13.30
CA ASN B 363 -15.28 1.06 12.90
C ASN B 363 -13.83 1.08 13.37
N ASP B 364 -13.16 -0.07 13.32
CA ASP B 364 -11.73 -0.15 13.71
C ASP B 364 -10.95 0.92 12.95
N VAL B 365 -11.11 0.96 11.63
CA VAL B 365 -10.35 1.92 10.82
C VAL B 365 -10.72 3.36 11.19
N LYS B 366 -12.00 3.64 11.41
CA LYS B 366 -12.37 4.97 11.89
C LYS B 366 -11.59 5.30 13.16
N GLN B 367 -11.56 4.39 14.13
CA GLN B 367 -10.98 4.71 15.42
C GLN B 367 -9.46 4.81 15.33
N LEU B 368 -8.83 3.90 14.59
CA LEU B 368 -7.38 4.02 14.41
C LEU B 368 -7.03 5.36 13.77
N THR B 369 -7.83 5.77 12.80
CA THR B 369 -7.52 6.99 12.06
C THR B 369 -7.74 8.23 12.91
N GLU B 370 -8.85 8.30 13.64
CA GLU B 370 -9.01 9.37 14.61
C GLU B 370 -7.85 9.37 15.59
N ALA B 371 -7.50 8.18 16.10
CA ALA B 371 -6.47 8.10 17.12
C ALA B 371 -5.14 8.59 16.58
N VAL B 372 -4.79 8.18 15.37
CA VAL B 372 -3.52 8.60 14.81
C VAL B 372 -3.43 10.12 14.69
N GLN B 373 -4.53 10.75 14.30
CA GLN B 373 -4.51 12.21 14.20
C GLN B 373 -4.35 12.87 15.57
N LYS B 374 -5.07 12.39 16.59
CA LYS B 374 -4.87 12.95 17.93
C LYS B 374 -3.43 12.81 18.39
N ILE B 375 -2.82 11.65 18.15
CA ILE B 375 -1.45 11.46 18.63
C ILE B 375 -0.54 12.44 17.91
N THR B 376 -0.77 12.64 16.61
CA THR B 376 0.07 13.55 15.84
C THR B 376 -0.09 15.01 16.26
N THR B 377 -1.32 15.47 16.47
CA THR B 377 -1.51 16.81 17.03
C THR B 377 -0.76 16.93 18.36
N GLU B 378 -1.07 16.03 19.31
CA GLU B 378 -0.44 16.10 20.61
C GLU B 378 1.07 16.14 20.42
N SER B 379 1.54 15.42 19.41
CA SER B 379 2.97 15.35 19.15
C SER B 379 3.45 16.66 18.55
N ILE B 380 2.67 17.26 17.66
CA ILE B 380 3.01 18.56 17.10
C ILE B 380 3.09 19.59 18.22
N VAL B 381 2.07 19.62 19.08
CA VAL B 381 2.04 20.62 20.13
C VAL B 381 3.32 20.56 20.92
N ILE B 382 3.67 19.36 21.39
CA ILE B 382 4.65 19.14 22.45
C ILE B 382 6.06 19.26 21.94
N TRP B 383 6.35 18.72 20.76
CA TRP B 383 7.70 18.77 20.22
C TRP B 383 7.78 19.42 18.85
N GLY B 384 6.64 19.76 18.24
CA GLY B 384 6.68 20.34 16.92
C GLY B 384 7.20 19.45 15.82
N LYS B 385 6.98 18.14 15.91
CA LYS B 385 7.14 17.30 14.72
C LYS B 385 6.21 16.10 14.80
N THR B 386 6.20 15.35 13.71
CA THR B 386 5.25 14.24 13.66
C THR B 386 5.95 12.94 13.99
N PRO B 387 5.31 12.08 14.75
CA PRO B 387 5.88 10.77 15.01
C PRO B 387 5.78 9.87 13.79
N LYS B 388 6.64 8.85 13.77
CA LYS B 388 6.55 7.76 12.81
C LYS B 388 5.67 6.68 13.42
N PHE B 389 4.63 6.28 12.70
CA PHE B 389 3.63 5.38 13.26
C PHE B 389 3.91 3.94 12.86
N LYS B 390 3.98 3.08 13.89
CA LYS B 390 3.82 1.63 13.75
C LYS B 390 2.34 1.30 13.94
N LEU B 391 1.68 0.90 12.87
CA LEU B 391 0.23 0.78 12.90
C LEU B 391 -0.22 -0.67 12.92
N PRO B 392 -1.05 -1.02 13.85
CA PRO B 392 -1.60 -2.39 13.97
C PRO B 392 -2.70 -2.68 12.95
N ILE B 393 -2.34 -2.86 11.68
CA ILE B 393 -3.35 -3.04 10.63
C ILE B 393 -2.63 -3.58 9.40
N GLN B 394 -3.38 -4.24 8.52
CA GLN B 394 -2.80 -4.75 7.30
C GLN B 394 -2.57 -3.61 6.32
N LYS B 395 -1.38 -3.55 5.73
CA LYS B 395 -0.98 -2.40 4.93
C LYS B 395 -1.99 -2.10 3.83
N GLU B 396 -2.47 -3.14 3.15
CA GLU B 396 -3.35 -2.91 2.01
C GLU B 396 -4.70 -2.37 2.47
N THR B 397 -5.18 -2.80 3.64
CA THR B 397 -6.41 -2.26 4.19
C THR B 397 -6.29 -0.77 4.47
N TRP B 398 -5.16 -0.34 5.03
CA TRP B 398 -4.96 1.07 5.32
C TRP B 398 -4.95 1.87 4.03
N GLU B 399 -4.14 1.44 3.06
CA GLU B 399 -3.96 2.19 1.83
C GLU B 399 -5.27 2.35 1.09
N THR B 400 -6.31 1.62 1.48
CA THR B 400 -7.61 1.70 0.85
C THR B 400 -8.54 2.66 1.57
N TRP B 401 -8.55 2.65 2.91
CA TRP B 401 -9.61 3.33 3.64
C TRP B 401 -9.15 4.46 4.54
N TRP B 402 -7.86 4.73 4.62
CA TRP B 402 -7.45 5.83 5.49
C TRP B 402 -8.01 7.17 5.01
N THR B 403 -8.27 7.36 3.72
CA THR B 403 -8.80 8.68 3.36
C THR B 403 -10.28 8.86 3.67
N GLU B 404 -11.02 7.82 4.03
CA GLU B 404 -12.43 8.06 4.29
C GLU B 404 -12.69 8.70 5.65
N TYR B 405 -11.67 8.98 6.45
CA TYR B 405 -11.87 9.61 7.75
C TYR B 405 -10.81 10.64 8.03
N TRP B 406 -9.88 10.83 7.13
CA TRP B 406 -8.75 11.71 7.35
C TRP B 406 -9.15 13.16 7.13
N GLN B 407 -8.92 13.99 8.13
CA GLN B 407 -9.26 15.41 8.04
C GLN B 407 -8.06 16.34 8.06
N ALA B 408 -6.98 15.99 8.73
CA ALA B 408 -5.82 16.86 8.83
C ALA B 408 -5.21 17.14 7.46
N THR B 409 -4.51 18.26 7.35
CA THR B 409 -3.85 18.59 6.09
C THR B 409 -2.45 17.97 5.97
N TRP B 410 -1.90 17.48 7.06
CA TRP B 410 -0.61 16.79 7.01
C TRP B 410 -0.80 15.28 7.03
N ILE B 411 0.30 14.55 6.76
CA ILE B 411 0.31 13.09 6.73
C ILE B 411 1.60 12.53 7.32
N PRO B 412 1.56 11.84 8.47
CA PRO B 412 2.81 11.36 9.06
C PRO B 412 3.29 10.10 8.38
N GLU B 413 4.57 9.81 8.53
CA GLU B 413 5.09 8.54 8.01
C GLU B 413 4.53 7.35 8.82
N TRP B 414 4.40 6.21 8.17
CA TRP B 414 3.90 5.05 8.90
C TRP B 414 4.41 3.76 8.27
N GLU B 415 4.28 2.70 9.06
CA GLU B 415 4.62 1.34 8.69
C GLU B 415 3.66 0.43 9.45
N PHE B 416 3.63 -0.84 9.09
CA PHE B 416 2.58 -1.72 9.60
C PHE B 416 3.20 -2.87 10.37
N VAL B 417 2.73 -3.06 11.60
CA VAL B 417 3.33 -4.03 12.49
C VAL B 417 2.34 -5.12 12.84
N ASN B 418 2.81 -6.08 13.62
CA ASN B 418 2.02 -7.16 14.18
C ASN B 418 2.18 -7.09 15.69
N THR B 419 1.17 -6.53 16.37
CA THR B 419 1.29 -6.19 17.79
C THR B 419 1.47 -7.45 18.63
N PRO B 420 2.44 -7.49 19.54
CA PRO B 420 2.52 -8.59 20.47
C PRO B 420 1.31 -8.60 21.39
N PRO B 421 0.83 -9.79 21.77
CA PRO B 421 -0.38 -9.88 22.59
C PRO B 421 -0.09 -9.79 24.08
N LEU B 422 1.18 -9.74 24.45
CA LEU B 422 1.54 -9.59 25.85
C LEU B 422 1.78 -8.14 26.25
N VAL B 423 1.65 -7.20 25.32
CA VAL B 423 1.74 -5.78 25.65
C VAL B 423 0.40 -5.06 25.49
N LYS B 424 -0.58 -5.68 24.83
CA LYS B 424 -1.94 -5.14 24.83
C LYS B 424 -2.45 -5.00 26.26
N LEU B 425 -2.29 -6.06 27.07
CA LEU B 425 -2.84 -6.10 28.42
C LEU B 425 -2.03 -5.29 29.43
N TRP B 426 -0.71 -5.22 29.29
CA TRP B 426 0.09 -4.44 30.23
C TRP B 426 -0.25 -2.96 30.16
N TYR B 427 -0.44 -2.45 28.95
CA TYR B 427 -0.81 -1.04 28.79
C TYR B 427 -2.29 -0.79 29.05
N GLN B 428 -3.09 -1.82 29.26
CA GLN B 428 -4.54 -1.66 29.48
C GLN B 428 -4.83 -0.80 30.72
N1 VRF C . -16.31 -4.41 -26.87
C1 VRF C . -15.20 -4.94 -27.65
C2 VRF C . -17.64 -4.66 -27.33
C3 VRF C . -17.79 -5.45 -28.61
C4 VRF C . -18.66 -4.99 -29.48
C5 VRF C . -16.15 -3.61 -25.67
C6 VRF C . -16.57 -2.18 -26.05
C7 VRF C . -15.11 -0.28 -26.40
O1 VRF C . -18.60 -4.23 -26.76
C8 VRF C . -15.51 1.03 -26.28
C9 VRF C . -14.95 2.00 -27.09
C10 VRF C . -13.96 1.66 -28.01
O2 VRF C . -15.65 -1.25 -25.56
C11 VRF C . -13.54 0.35 -28.13
C12 VRF C . -14.10 -0.62 -27.32
C13 VRF C . -12.33 -2.07 -27.06
C14 VRF C . -11.91 -1.62 -25.82
C15 VRF C . -10.59 -1.77 -25.42
C16 VRF C . -9.67 -2.39 -26.24
C17 VRF C . -10.07 -2.86 -27.48
C18 VRF C . -11.40 -2.69 -27.88
C19 VRF C . -11.76 -3.16 -29.13
C20 VRF C . -10.83 -3.77 -29.94
C21 VRF C . -9.51 -3.92 -29.54
C22 VRF C . -8.51 -4.59 -30.47
C23 VRF C . -9.13 -3.46 -28.30
N2 VRF C . -7.78 -5.09 -31.17
O3 VRF C . -13.67 -1.93 -27.46
H1 VRF C . -14.26 -4.75 -27.14
H2 VRF C . -15.20 -4.47 -28.64
H3 VRF C . -15.33 -6.02 -27.77
H4 VRF C . -17.21 -6.34 -28.80
H5 VRF C . -19.23 -4.10 -29.26
H6 VRF C . -18.81 -5.53 -30.41
H7 VRF C . -16.78 -3.99 -24.87
H8 VRF C . -15.12 -3.62 -25.33
H10 VRF C . -16.62 -2.11 -27.13
H9 VRF C . -17.56 -1.97 -25.63
H11 VRF C . -16.26 1.31 -25.55
H12 VRF C . -15.26 3.03 -27.01
H13 VRF C . -13.53 2.43 -28.65
H14 VRF C . -12.77 0.09 -28.85
H15 VRF C . -12.62 -1.13 -25.18
H16 VRF C . -10.30 -1.42 -24.45
H17 VRF C . -8.64 -2.51 -25.91
H18 VRF C . -12.79 -3.05 -29.47
H19 VRF C . -11.13 -4.14 -30.92
H20 VRF C . -8.11 -3.57 -27.96
MG MG D . 12.07 -22.39 30.54
P PO4 E . -2.47 -14.78 -4.73
O1 PO4 E . -3.11 -13.50 -4.32
O2 PO4 E . -2.11 -15.63 -3.57
O3 PO4 E . -3.42 -15.58 -5.55
O4 PO4 E . -1.27 -14.42 -5.50
MG MG F . -0.25 11.30 -8.77
#